data_5KQ5
#
_entry.id   5KQ5
#
_cell.length_a   124.500
_cell.length_b   124.500
_cell.length_c   402.250
_cell.angle_alpha   90.000
_cell.angle_beta   90.000
_cell.angle_gamma   120.000
#
_symmetry.space_group_name_H-M   'P 61 2 2'
#
loop_
_entity.id
_entity.type
_entity.pdbx_description
1 polymer "5'-AMP-activated protein kinase catalytic subunit alpha-1"
2 polymer "5'-AMP-activated protein kinase subunit beta-1"
3 polymer "5'-AMP-activated protein kinase subunit gamma-1"
4 non-polymer STAUROSPORINE
5 non-polymer '6-chloranyl-5-[4-(1-oxidanylcyclobutyl)phenyl]-1~{H}-indole-3-carboxylic acid'
6 non-polymer 'CHLORIDE ION'
7 non-polymer 'ADENOSINE MONOPHOSPHATE'
8 non-polymer "ADENOSINE-5'-DIPHOSPHATE"
9 non-polymer 'SULFATE ION'
#
loop_
_entity_poly.entity_id
_entity_poly.type
_entity_poly.pdbx_seq_one_letter_code
_entity_poly.pdbx_strand_id
1 'polypeptide(L)'
;GATAEKQKHDGRVKIGHYILGDTLGVGTFGKVKVGKHELTGHKVAVKILNRQKIRSLDVVGKIRREIQNLKLFRHPHIIK
LYQVISTPSDIFMVMEYVSGGELFDYICKNGRLDEKESRRLFQQILSGVDYCHRHMVVHRDLKPENVLLDAHMNAKIADF
GLSNMMSDGEFLR(TPO)SCGSPNYAAPEVISGRLYAGPEVDIWSSGVILYALLCGTLPFDDDHVPTLFKKICDGIFYTP
QYLNPSVISLLKHMLQVDPMKRATIKDIREHEWFKQDLPKYLFPEDPSYSSTMIDDEALKEVCEKFECSEEEVLSCLYNR
NHQDPLAVAYHLIIDNRRIMNEAKDFYLATSPPDSFLDDHHLTRPHPERVPFLVAETPRARHTLDELNPQKSKHQGVRKA
KWHLGIRSQSRPNDIMAEVCRAIKQLDYEWKVVNPYYLRVRRKNPVTSTFSKMSLQLYQVDSRTYLLDFRSIDDEASGGP
GGSAPRPGSHTIEFFEMCANLIKILAQ
;
A
2 'polypeptide(L)'
;MEVNEKAPAQARPTVFRWTGGGKEVYLSGSFNNWSKLPLTRDQNNFVAILDLPEGEHQYKFFVDGQWTHDPSEPIVTSQL
GTVNNIIQVKKTDFEVFDALMVDSQKCSDVSELSSSPPGPYHQEPYISKPEERFKAPPILPPHLLQVILNKDTGISCDPA
LLPEPNHVMLNHLYALSIKDGVMVLSATHRYKKKYVTTLLYKPI
;
B
3 'polypeptide(L)'
;MESVAAESAPAPENEHSQETPESNSSVYTTFMKSHRCYDLIPTSSKLVVFDTSLQVKKAFFALVTNGVRAAPLWDSKKQS
FVGMLTITDFINILHRYYKSALVQIYELEEHKIETWREVYLQDSFKPLVCISPNASLFDAVSSLIRNKIHRLPVIDPESG
NTLYILTHKRILKFLKLFITEFPKPEFMSKSLEELQIGTYANIAMVRTTTPVYVALGIFVQHRVSALPVVDEKGRVVDIY
SKFDVINLAAEKTYNNLDVSVTKALQHRSHYFEGVLKCYLHETLEAIINRLVEAEVHRLVVVDEHDVVKGIVSLSDILQA
LVLTGGEKKP
;
C
#
# COMPACT_ATOMS: atom_id res chain seq x y z
N ARG A 12 -7.68 45.79 -19.41
CA ARG A 12 -7.19 44.40 -19.49
C ARG A 12 -7.14 43.74 -18.11
N VAL A 13 -7.97 42.69 -17.92
CA VAL A 13 -8.06 41.94 -16.66
C VAL A 13 -6.84 41.00 -16.57
N LYS A 14 -5.87 41.36 -15.72
CA LYS A 14 -4.63 40.60 -15.56
C LYS A 14 -4.57 39.79 -14.27
N ILE A 15 -3.92 38.62 -14.36
CA ILE A 15 -3.59 37.70 -13.28
C ILE A 15 -2.28 37.05 -13.69
N GLY A 16 -1.34 37.01 -12.75
CA GLY A 16 0.03 36.58 -13.01
C GLY A 16 0.59 37.71 -13.84
N HIS A 17 0.56 37.53 -15.16
CA HIS A 17 0.94 38.56 -16.12
C HIS A 17 0.16 38.34 -17.40
N TYR A 18 -0.77 37.36 -17.35
CA TYR A 18 -1.64 36.96 -18.43
C TYR A 18 -2.88 37.78 -18.41
N ILE A 19 -3.38 38.12 -19.60
CA ILE A 19 -4.62 38.85 -19.71
C ILE A 19 -5.77 37.80 -19.87
N LEU A 20 -6.68 37.78 -18.90
CA LEU A 20 -7.83 36.88 -18.89
C LEU A 20 -8.74 37.22 -20.05
N GLY A 21 -9.18 36.18 -20.74
CA GLY A 21 -10.04 36.32 -21.90
C GLY A 21 -11.28 35.48 -21.75
N ASP A 22 -11.81 35.07 -22.88
CA ASP A 22 -13.04 34.29 -23.05
C ASP A 22 -13.11 33.04 -22.18
N THR A 23 -14.32 32.74 -21.67
CA THR A 23 -14.60 31.54 -20.89
C THR A 23 -14.55 30.35 -21.83
N LEU A 24 -13.62 29.41 -21.57
CA LEU A 24 -13.39 28.17 -22.31
C LEU A 24 -14.53 27.18 -22.11
N GLY A 25 -14.94 27.08 -20.86
CA GLY A 25 -16.02 26.21 -20.43
C GLY A 25 -16.16 26.33 -18.94
N VAL A 26 -17.09 25.57 -18.36
CA VAL A 26 -17.25 25.57 -16.90
C VAL A 26 -17.06 24.13 -16.40
N GLY A 27 -16.07 23.98 -15.53
CA GLY A 27 -15.69 22.70 -14.98
C GLY A 27 -16.52 22.24 -13.80
N THR A 28 -15.89 21.38 -12.97
CA THR A 28 -16.51 20.81 -11.79
C THR A 28 -16.79 21.92 -10.79
N PHE A 29 -15.77 22.67 -10.35
CA PHE A 29 -16.04 23.71 -9.39
C PHE A 29 -15.65 25.13 -9.85
N GLY A 30 -16.05 25.54 -11.06
CA GLY A 30 -15.78 26.91 -11.51
C GLY A 30 -15.54 27.11 -12.99
N LYS A 31 -15.56 28.39 -13.45
CA LYS A 31 -15.33 28.75 -14.85
C LYS A 31 -13.86 28.60 -15.20
N VAL A 32 -13.56 28.29 -16.48
CA VAL A 32 -12.19 28.17 -17.02
C VAL A 32 -12.04 29.24 -18.11
N LYS A 33 -10.96 30.04 -18.06
CA LYS A 33 -10.77 31.14 -19.01
C LYS A 33 -9.42 31.11 -19.69
N VAL A 34 -9.30 31.70 -20.90
CA VAL A 34 -8.00 31.80 -21.59
C VAL A 34 -7.19 32.91 -20.95
N GLY A 35 -5.87 32.81 -21.05
CA GLY A 35 -4.94 33.81 -20.53
C GLY A 35 -3.80 34.01 -21.49
N LYS A 36 -3.67 35.20 -22.08
CA LYS A 36 -2.58 35.48 -23.02
C LYS A 36 -1.54 36.37 -22.34
N HIS A 37 -0.26 35.91 -22.27
CA HIS A 37 0.81 36.65 -21.61
C HIS A 37 1.02 38.02 -22.22
N GLU A 38 1.12 39.03 -21.34
CA GLU A 38 1.29 40.45 -21.65
C GLU A 38 2.38 40.69 -22.70
N LEU A 39 3.52 40.01 -22.56
CA LEU A 39 4.67 40.17 -23.44
C LEU A 39 4.88 39.01 -24.42
N THR A 40 5.00 37.77 -23.92
CA THR A 40 5.28 36.60 -24.76
C THR A 40 4.13 36.17 -25.67
N GLY A 41 2.90 36.32 -25.20
CA GLY A 41 1.69 35.93 -25.92
C GLY A 41 1.28 34.49 -25.65
N HIS A 42 2.02 33.80 -24.75
CA HIS A 42 1.79 32.42 -24.36
C HIS A 42 0.43 32.30 -23.71
N LYS A 43 -0.33 31.29 -24.15
CA LYS A 43 -1.70 31.06 -23.70
C LYS A 43 -1.81 29.99 -22.62
N VAL A 44 -2.61 30.29 -21.58
CA VAL A 44 -2.89 29.41 -20.44
C VAL A 44 -4.40 29.30 -20.21
N ALA A 45 -4.79 28.26 -19.47
CA ALA A 45 -6.18 28.01 -19.06
C ALA A 45 -6.24 28.28 -17.56
N VAL A 46 -7.14 29.18 -17.15
CA VAL A 46 -7.26 29.60 -15.75
C VAL A 46 -8.60 29.18 -15.11
N LYS A 47 -8.55 28.21 -14.18
CA LYS A 47 -9.76 27.80 -13.46
C LYS A 47 -9.94 28.80 -12.29
N ILE A 48 -11.16 29.38 -12.16
CA ILE A 48 -11.48 30.36 -11.11
C ILE A 48 -12.39 29.74 -10.02
N LEU A 49 -11.87 29.61 -8.78
CA LEU A 49 -12.63 29.04 -7.66
C LEU A 49 -12.91 30.07 -6.59
N ASN A 50 -14.16 30.58 -6.54
CA ASN A 50 -14.55 31.55 -5.52
C ASN A 50 -14.40 30.90 -4.17
N ARG A 51 -13.55 31.50 -3.31
CA ARG A 51 -13.30 31.06 -1.94
C ARG A 51 -14.64 30.86 -1.19
N GLN A 52 -15.58 31.85 -1.27
CA GLN A 52 -16.91 31.78 -0.64
C GLN A 52 -17.79 30.65 -1.21
N LYS A 53 -17.70 30.39 -2.54
CA LYS A 53 -18.48 29.31 -3.17
C LYS A 53 -17.87 27.96 -2.88
N ILE A 54 -16.52 27.87 -2.74
CA ILE A 54 -15.86 26.60 -2.42
C ILE A 54 -16.13 26.27 -0.96
N ARG A 55 -16.43 27.26 -0.11
CA ARG A 55 -16.71 26.90 1.26
C ARG A 55 -18.19 26.59 1.42
N SER A 56 -19.05 27.07 0.48
CA SER A 56 -20.51 26.80 0.49
C SER A 56 -20.79 25.31 0.32
N LEU A 57 -20.09 24.67 -0.63
CA LEU A 57 -20.12 23.22 -0.81
C LEU A 57 -18.97 22.79 0.11
N ASP A 58 -19.00 21.65 0.80
CA ASP A 58 -17.84 21.37 1.64
C ASP A 58 -16.73 20.67 0.83
N VAL A 59 -16.13 21.46 -0.07
CA VAL A 59 -15.10 21.04 -1.00
C VAL A 59 -13.74 21.66 -0.69
N VAL A 60 -13.66 22.52 0.35
CA VAL A 60 -12.42 23.18 0.80
C VAL A 60 -11.25 22.18 0.92
N GLY A 61 -11.53 21.00 1.47
CA GLY A 61 -10.56 19.93 1.62
C GLY A 61 -10.18 19.31 0.29
N LYS A 62 -11.20 19.00 -0.54
CA LYS A 62 -11.02 18.38 -1.85
C LYS A 62 -10.08 19.18 -2.75
N ILE A 63 -10.25 20.53 -2.76
CA ILE A 63 -9.46 21.51 -3.52
C ILE A 63 -7.99 21.49 -3.07
N ARG A 64 -7.78 21.41 -1.73
CA ARG A 64 -6.47 21.37 -1.09
C ARG A 64 -5.70 20.18 -1.64
N ARG A 65 -6.35 18.98 -1.70
CA ARG A 65 -5.78 17.74 -2.23
C ARG A 65 -5.53 17.87 -3.73
N GLU A 66 -6.57 18.25 -4.49
CA GLU A 66 -6.61 18.48 -5.94
C GLU A 66 -5.40 19.29 -6.42
N ILE A 67 -5.03 20.35 -5.65
CA ILE A 67 -3.88 21.20 -5.92
C ILE A 67 -2.62 20.41 -5.62
N GLN A 68 -2.47 19.93 -4.35
CA GLN A 68 -1.31 19.16 -3.87
C GLN A 68 -0.81 18.15 -4.90
N ASN A 69 -1.75 17.36 -5.50
CA ASN A 69 -1.48 16.33 -6.50
C ASN A 69 -0.98 16.94 -7.80
N LEU A 70 -1.86 17.66 -8.50
CA LEU A 70 -1.57 18.31 -9.80
C LEU A 70 -0.30 19.18 -9.81
N LYS A 71 0.06 19.75 -8.64
CA LYS A 71 1.24 20.60 -8.47
C LYS A 71 2.55 19.82 -8.60
N LEU A 72 2.54 18.48 -8.46
CA LEU A 72 3.78 17.71 -8.58
C LEU A 72 3.74 16.66 -9.73
N PHE A 73 2.58 16.49 -10.38
CA PHE A 73 2.38 15.63 -11.55
C PHE A 73 3.08 16.25 -12.75
N ARG A 74 3.50 15.42 -13.72
CA ARG A 74 4.13 15.88 -14.95
C ARG A 74 4.17 14.75 -15.98
N HIS A 75 3.07 14.59 -16.73
CA HIS A 75 2.89 13.58 -17.77
C HIS A 75 2.48 14.29 -19.08
N PRO A 76 3.02 13.85 -20.25
CA PRO A 76 2.67 14.51 -21.53
C PRO A 76 1.20 14.46 -21.97
N HIS A 77 0.36 13.70 -21.24
CA HIS A 77 -1.05 13.49 -21.57
C HIS A 77 -1.96 13.84 -20.44
N ILE A 78 -1.46 14.66 -19.50
CA ILE A 78 -2.24 15.24 -18.40
C ILE A 78 -1.94 16.74 -18.40
N ILE A 79 -3.02 17.58 -18.48
CA ILE A 79 -2.95 19.05 -18.45
C ILE A 79 -2.15 19.47 -17.21
N LYS A 80 -1.00 20.14 -17.42
CA LYS A 80 -0.11 20.60 -16.36
C LYS A 80 -0.65 21.85 -15.62
N LEU A 81 -0.53 21.88 -14.28
CA LEU A 81 -0.94 22.99 -13.44
C LEU A 81 0.33 23.75 -13.11
N TYR A 82 0.47 24.94 -13.69
CA TYR A 82 1.65 25.81 -13.59
C TYR A 82 1.83 26.49 -12.25
N GLN A 83 0.79 27.19 -11.78
CA GLN A 83 0.82 27.92 -10.51
C GLN A 83 -0.60 28.15 -10.02
N VAL A 84 -0.75 28.26 -8.69
CA VAL A 84 -2.02 28.57 -8.06
C VAL A 84 -1.87 29.95 -7.43
N ILE A 85 -2.70 30.90 -7.86
CA ILE A 85 -2.64 32.27 -7.37
C ILE A 85 -3.81 32.50 -6.42
N SER A 86 -3.53 32.86 -5.17
CA SER A 86 -4.60 33.13 -4.23
C SER A 86 -4.83 34.62 -4.06
N THR A 87 -6.10 35.05 -4.15
CA THR A 87 -6.53 36.44 -3.95
C THR A 87 -7.52 36.38 -2.78
N PRO A 88 -7.88 37.50 -2.09
CA PRO A 88 -8.81 37.37 -0.95
C PRO A 88 -10.19 36.83 -1.32
N SER A 89 -10.64 37.15 -2.53
CA SER A 89 -11.96 36.80 -3.05
C SER A 89 -12.06 35.39 -3.60
N ASP A 90 -11.20 35.08 -4.60
CA ASP A 90 -11.19 33.83 -5.39
C ASP A 90 -9.78 33.20 -5.44
N ILE A 91 -9.69 31.99 -6.04
CA ILE A 91 -8.44 31.25 -6.21
C ILE A 91 -8.30 30.96 -7.71
N PHE A 92 -7.09 31.16 -8.25
CA PHE A 92 -6.85 30.96 -9.67
C PHE A 92 -5.90 29.80 -9.94
N MET A 93 -6.32 28.86 -10.76
CA MET A 93 -5.46 27.75 -11.13
C MET A 93 -4.96 27.93 -12.56
N VAL A 94 -3.67 28.32 -12.71
CA VAL A 94 -3.04 28.56 -14.01
C VAL A 94 -2.56 27.22 -14.57
N MET A 95 -3.10 26.82 -15.74
CA MET A 95 -2.83 25.52 -16.41
C MET A 95 -2.45 25.64 -17.88
N GLU A 96 -1.91 24.55 -18.48
CA GLU A 96 -1.52 24.57 -19.88
C GLU A 96 -2.70 24.63 -20.83
N TYR A 97 -2.62 25.47 -21.88
CA TYR A 97 -3.68 25.60 -22.86
C TYR A 97 -3.42 24.70 -24.07
N VAL A 98 -4.49 24.08 -24.59
CA VAL A 98 -4.45 23.24 -25.80
C VAL A 98 -5.52 23.70 -26.78
N SER A 99 -5.07 24.12 -27.98
CA SER A 99 -5.90 24.63 -29.05
C SER A 99 -7.03 23.69 -29.51
N GLY A 100 -6.71 22.39 -29.66
CA GLY A 100 -7.61 21.34 -30.15
C GLY A 100 -9.02 21.20 -29.60
N GLY A 101 -9.21 21.65 -28.37
CA GLY A 101 -10.52 21.55 -27.71
C GLY A 101 -10.86 20.13 -27.33
N GLU A 102 -12.15 19.87 -27.06
CA GLU A 102 -12.59 18.53 -26.65
C GLU A 102 -12.34 17.47 -27.72
N LEU A 103 -12.07 16.23 -27.26
CA LEU A 103 -11.90 15.06 -28.12
C LEU A 103 -13.30 14.75 -28.60
N PHE A 104 -14.31 14.97 -27.73
CA PHE A 104 -15.71 14.79 -28.02
C PHE A 104 -16.07 15.56 -29.28
N ASP A 105 -15.88 16.89 -29.29
CA ASP A 105 -16.17 17.68 -30.50
C ASP A 105 -15.44 17.15 -31.74
N TYR A 106 -14.16 16.70 -31.58
CA TYR A 106 -13.39 16.14 -32.70
C TYR A 106 -14.18 14.97 -33.34
N ILE A 107 -14.62 14.01 -32.49
CA ILE A 107 -15.37 12.83 -32.90
C ILE A 107 -16.78 13.22 -33.42
N CYS A 108 -17.28 14.43 -33.10
CA CYS A 108 -18.56 14.89 -33.60
C CYS A 108 -18.42 15.38 -35.03
N LYS A 109 -17.44 16.27 -35.28
CA LYS A 109 -17.19 16.88 -36.58
C LYS A 109 -16.70 15.83 -37.57
N ASN A 110 -15.58 15.15 -37.23
CA ASN A 110 -15.03 14.03 -38.02
C ASN A 110 -15.77 12.82 -37.49
N GLY A 111 -15.68 11.68 -38.14
CA GLY A 111 -16.44 10.56 -37.64
C GLY A 111 -15.72 9.81 -36.54
N ARG A 112 -15.64 8.49 -36.71
CA ARG A 112 -14.88 7.64 -35.83
C ARG A 112 -13.47 7.71 -36.38
N LEU A 113 -12.49 7.30 -35.57
CA LEU A 113 -11.06 7.29 -35.92
C LEU A 113 -10.71 5.94 -36.51
N ASP A 114 -9.77 5.93 -37.47
CA ASP A 114 -9.27 4.69 -38.09
C ASP A 114 -8.49 3.90 -37.05
N GLU A 115 -8.55 2.55 -37.09
CA GLU A 115 -7.91 1.69 -36.10
C GLU A 115 -6.60 2.26 -35.57
N LYS A 116 -5.68 2.64 -36.50
CA LYS A 116 -4.35 3.19 -36.23
C LYS A 116 -4.40 4.46 -35.37
N GLU A 117 -5.26 5.43 -35.74
CA GLU A 117 -5.42 6.69 -35.00
C GLU A 117 -6.09 6.51 -33.64
N SER A 118 -7.10 5.61 -33.56
CA SER A 118 -7.81 5.33 -32.32
C SER A 118 -6.82 4.78 -31.30
N ARG A 119 -6.00 3.80 -31.74
CA ARG A 119 -5.00 3.13 -30.94
C ARG A 119 -4.01 4.10 -30.36
N ARG A 120 -3.49 5.03 -31.20
CA ARG A 120 -2.53 6.07 -30.82
C ARG A 120 -3.04 6.84 -29.62
N LEU A 121 -4.28 7.40 -29.74
CA LEU A 121 -4.93 8.18 -28.69
C LEU A 121 -5.27 7.38 -27.45
N PHE A 122 -5.72 6.12 -27.64
CA PHE A 122 -6.06 5.26 -26.53
C PHE A 122 -4.82 4.90 -25.70
N GLN A 123 -3.67 4.72 -26.38
CA GLN A 123 -2.39 4.45 -25.72
C GLN A 123 -2.03 5.64 -24.82
N GLN A 124 -2.19 6.85 -25.35
CA GLN A 124 -1.90 8.11 -24.66
C GLN A 124 -2.79 8.33 -23.44
N ILE A 125 -4.11 8.09 -23.58
CA ILE A 125 -5.06 8.28 -22.49
C ILE A 125 -4.73 7.31 -21.38
N LEU A 126 -4.71 6.03 -21.72
CA LEU A 126 -4.39 4.99 -20.75
C LEU A 126 -3.05 5.25 -20.01
N SER A 127 -2.04 5.78 -20.73
CA SER A 127 -0.76 6.14 -20.15
C SER A 127 -1.00 7.11 -18.99
N GLY A 128 -1.76 8.18 -19.27
CA GLY A 128 -2.13 9.18 -18.28
C GLY A 128 -2.87 8.57 -17.11
N VAL A 129 -3.89 7.73 -17.42
CA VAL A 129 -4.73 7.03 -16.44
C VAL A 129 -3.86 6.18 -15.51
N ASP A 130 -2.84 5.53 -16.10
CA ASP A 130 -1.91 4.71 -15.35
C ASP A 130 -1.12 5.63 -14.41
N TYR A 131 -0.48 6.70 -14.94
CA TYR A 131 0.30 7.68 -14.17
C TYR A 131 -0.45 8.20 -12.94
N CYS A 132 -1.76 8.51 -13.07
CA CYS A 132 -2.62 8.96 -11.97
C CYS A 132 -2.64 7.88 -10.89
N HIS A 133 -3.06 6.65 -11.27
CA HIS A 133 -3.17 5.48 -10.42
C HIS A 133 -1.84 5.10 -9.75
N ARG A 134 -0.71 5.34 -10.46
CA ARG A 134 0.65 5.10 -9.97
C ARG A 134 0.96 6.12 -8.87
N HIS A 135 0.17 7.23 -8.81
CA HIS A 135 0.27 8.30 -7.83
C HIS A 135 -0.93 8.30 -6.86
N MET A 136 -1.63 7.15 -6.78
CA MET A 136 -2.79 6.93 -5.91
C MET A 136 -3.90 7.95 -6.10
N VAL A 137 -4.03 8.50 -7.31
CA VAL A 137 -5.07 9.47 -7.70
C VAL A 137 -5.96 8.77 -8.74
N VAL A 138 -7.28 8.84 -8.52
CA VAL A 138 -8.24 8.24 -9.43
C VAL A 138 -9.21 9.33 -9.92
N HIS A 139 -8.99 9.81 -11.14
CA HIS A 139 -9.82 10.80 -11.81
C HIS A 139 -11.10 10.08 -12.19
N ARG A 140 -12.17 10.16 -11.36
CA ARG A 140 -13.45 9.55 -11.78
C ARG A 140 -13.97 10.53 -12.83
N ASP A 141 -15.01 10.19 -13.62
CA ASP A 141 -15.59 11.14 -14.62
C ASP A 141 -14.58 11.37 -15.78
N LEU A 142 -14.23 10.27 -16.43
CA LEU A 142 -13.28 10.24 -17.53
C LEU A 142 -14.09 10.12 -18.84
N LYS A 143 -14.35 11.25 -19.52
CA LYS A 143 -15.13 11.25 -20.77
C LYS A 143 -14.43 11.96 -21.94
N PRO A 144 -14.72 11.68 -23.24
CA PRO A 144 -14.03 12.43 -24.32
C PRO A 144 -14.23 13.94 -24.26
N GLU A 145 -15.23 14.37 -23.49
CA GLU A 145 -15.54 15.76 -23.19
C GLU A 145 -14.39 16.33 -22.28
N ASN A 146 -13.86 15.50 -21.36
CA ASN A 146 -12.74 15.86 -20.47
C ASN A 146 -11.36 15.45 -21.03
N VAL A 147 -11.31 14.94 -22.27
CA VAL A 147 -10.05 14.64 -22.95
C VAL A 147 -9.88 15.75 -23.98
N LEU A 148 -8.91 16.63 -23.78
CA LEU A 148 -8.69 17.73 -24.73
C LEU A 148 -7.54 17.36 -25.66
N LEU A 149 -7.50 17.99 -26.86
CA LEU A 149 -6.46 17.74 -27.86
C LEU A 149 -5.60 18.97 -28.14
N ASP A 150 -4.32 18.77 -28.49
CA ASP A 150 -3.46 19.89 -28.84
C ASP A 150 -3.31 19.98 -30.36
N ALA A 151 -2.63 21.01 -30.87
CA ALA A 151 -2.42 21.22 -32.29
C ALA A 151 -1.82 20.00 -33.02
N HIS A 152 -1.02 19.18 -32.32
CA HIS A 152 -0.39 17.99 -32.88
C HIS A 152 -1.15 16.69 -32.55
N MET A 153 -2.44 16.81 -32.13
CA MET A 153 -3.36 15.69 -31.86
C MET A 153 -2.94 14.77 -30.67
N ASN A 154 -2.64 15.38 -29.53
CA ASN A 154 -2.26 14.64 -28.32
C ASN A 154 -3.31 14.76 -27.28
N ALA A 155 -3.71 13.63 -26.73
CA ALA A 155 -4.70 13.58 -25.67
C ALA A 155 -4.15 14.25 -24.40
N LYS A 156 -5.04 14.94 -23.65
CA LYS A 156 -4.71 15.65 -22.40
C LYS A 156 -5.88 15.50 -21.39
N ILE A 157 -5.71 14.66 -20.35
CA ILE A 157 -6.74 14.43 -19.32
C ILE A 157 -6.89 15.75 -18.51
N ALA A 158 -8.14 16.23 -18.21
CA ALA A 158 -8.29 17.56 -17.62
C ALA A 158 -9.21 17.82 -16.37
N ASP A 159 -10.38 17.19 -16.19
CA ASP A 159 -11.18 17.63 -15.03
C ASP A 159 -10.98 16.80 -13.74
N PHE A 160 -9.95 17.18 -12.99
CA PHE A 160 -9.65 16.49 -11.76
C PHE A 160 -10.50 16.97 -10.57
N GLY A 161 -11.60 17.66 -10.86
CA GLY A 161 -12.56 18.14 -9.86
C GLY A 161 -13.30 17.01 -9.17
N LEU A 162 -13.56 15.92 -9.93
CA LEU A 162 -14.21 14.72 -9.41
C LEU A 162 -13.19 13.61 -9.05
N SER A 163 -11.88 13.90 -9.15
CA SER A 163 -10.83 12.96 -8.76
C SER A 163 -10.86 12.68 -7.24
N ASN A 164 -10.13 11.63 -6.79
CA ASN A 164 -10.03 11.25 -5.38
C ASN A 164 -8.78 10.44 -5.09
N MET A 165 -8.35 10.45 -3.82
CA MET A 165 -7.17 9.73 -3.39
C MET A 165 -7.50 8.29 -3.14
N MET A 166 -6.49 7.43 -3.20
CA MET A 166 -6.61 6.01 -2.93
C MET A 166 -5.85 5.77 -1.63
N SER A 167 -6.57 5.45 -0.55
CA SER A 167 -5.96 5.21 0.77
C SER A 167 -5.80 3.72 1.08
N ASP A 168 -4.72 3.35 1.78
CA ASP A 168 -4.48 1.95 2.16
C ASP A 168 -5.60 1.40 3.08
N GLY A 169 -6.27 0.38 2.58
CA GLY A 169 -7.37 -0.31 3.26
C GLY A 169 -8.72 0.36 3.17
N GLU A 170 -8.86 1.42 2.36
CA GLU A 170 -10.14 2.15 2.24
C GLU A 170 -10.74 2.16 0.84
N PHE A 171 -12.08 2.07 0.79
CA PHE A 171 -12.86 2.10 -0.46
C PHE A 171 -13.48 3.48 -0.69
N LEU A 172 -13.91 3.77 -1.93
CA LEU A 172 -14.57 5.02 -2.29
C LEU A 172 -16.06 4.72 -2.39
N ARG A 173 -16.92 5.76 -2.24
CA ARG A 173 -18.37 5.57 -2.33
C ARG A 173 -19.03 6.42 -3.40
N SER A 175 -20.74 8.35 -6.22
CA SER A 175 -21.24 7.92 -7.51
C SER A 175 -21.14 9.08 -8.48
N CYS A 176 -19.90 9.48 -8.80
CA CYS A 176 -19.63 10.62 -9.68
C CYS A 176 -19.24 10.22 -11.12
N GLY A 177 -19.66 11.08 -12.05
CA GLY A 177 -19.43 10.95 -13.48
C GLY A 177 -20.71 10.84 -14.29
N SER A 178 -20.58 11.00 -15.61
CA SER A 178 -21.67 10.89 -16.58
C SER A 178 -22.24 9.46 -16.60
N PRO A 179 -23.57 9.28 -16.70
CA PRO A 179 -24.14 7.92 -16.72
C PRO A 179 -23.66 6.99 -17.85
N ASN A 180 -23.37 7.49 -19.06
CA ASN A 180 -22.92 6.67 -20.19
C ASN A 180 -21.50 6.11 -19.98
N TYR A 181 -20.68 6.86 -19.22
CA TYR A 181 -19.30 6.53 -18.91
C TYR A 181 -19.14 5.88 -17.54
N ALA A 182 -20.18 5.94 -16.71
CA ALA A 182 -20.15 5.37 -15.37
C ALA A 182 -20.17 3.86 -15.38
N ALA A 183 -19.41 3.28 -14.44
CA ALA A 183 -19.25 1.86 -14.22
C ALA A 183 -20.52 1.29 -13.57
N PRO A 184 -20.85 -0.02 -13.73
CA PRO A 184 -22.07 -0.57 -13.09
C PRO A 184 -22.13 -0.32 -11.56
N GLU A 185 -21.01 -0.60 -10.84
CA GLU A 185 -20.88 -0.38 -9.39
C GLU A 185 -21.14 1.07 -9.00
N VAL A 186 -20.71 2.04 -9.86
CA VAL A 186 -20.91 3.48 -9.67
C VAL A 186 -22.39 3.81 -9.80
N ILE A 187 -23.06 3.31 -10.87
CA ILE A 187 -24.49 3.56 -11.07
C ILE A 187 -25.31 2.83 -9.99
N SER A 188 -24.90 1.61 -9.58
CA SER A 188 -25.53 0.83 -8.50
C SER A 188 -25.21 1.44 -7.13
N GLY A 189 -24.34 2.46 -7.12
CA GLY A 189 -23.89 3.18 -5.93
C GLY A 189 -23.15 2.37 -4.90
N ARG A 190 -22.60 1.22 -5.31
CA ARG A 190 -21.85 0.32 -4.43
C ARG A 190 -20.43 0.86 -4.18
N LEU A 191 -19.70 0.26 -3.22
CA LEU A 191 -18.34 0.64 -2.87
C LEU A 191 -17.37 0.17 -3.94
N TYR A 192 -16.26 0.88 -4.14
CA TYR A 192 -15.25 0.50 -5.14
C TYR A 192 -13.85 0.90 -4.72
N ALA A 193 -12.82 0.30 -5.34
CA ALA A 193 -11.43 0.58 -4.98
C ALA A 193 -10.93 1.86 -5.61
N GLY A 194 -11.26 2.05 -6.89
CA GLY A 194 -10.87 3.22 -7.65
C GLY A 194 -10.38 2.98 -9.07
N PRO A 195 -9.29 2.19 -9.30
CA PRO A 195 -8.81 2.04 -10.67
C PRO A 195 -9.81 1.42 -11.62
N GLU A 196 -10.57 0.42 -11.14
CA GLU A 196 -11.55 -0.34 -11.93
C GLU A 196 -12.58 0.54 -12.65
N VAL A 197 -13.01 1.64 -11.99
CA VAL A 197 -14.03 2.54 -12.51
C VAL A 197 -13.47 3.42 -13.62
N ASP A 198 -12.15 3.67 -13.61
CA ASP A 198 -11.46 4.41 -14.66
C ASP A 198 -11.27 3.55 -15.88
N ILE A 199 -11.04 2.23 -15.67
CA ILE A 199 -10.88 1.25 -16.74
C ILE A 199 -12.18 1.16 -17.57
N TRP A 200 -13.34 1.10 -16.89
CA TRP A 200 -14.66 1.06 -17.56
C TRP A 200 -14.84 2.30 -18.44
N SER A 201 -14.44 3.47 -17.92
CA SER A 201 -14.53 4.74 -18.62
C SER A 201 -13.59 4.73 -19.83
N SER A 202 -12.35 4.23 -19.64
CA SER A 202 -11.35 4.09 -20.70
C SER A 202 -11.87 3.16 -21.81
N GLY A 203 -12.64 2.16 -21.41
CA GLY A 203 -13.30 1.21 -22.30
C GLY A 203 -14.31 1.89 -23.21
N VAL A 204 -15.18 2.74 -22.63
CA VAL A 204 -16.17 3.48 -23.44
C VAL A 204 -15.46 4.53 -24.31
N ILE A 205 -14.37 5.16 -23.80
CA ILE A 205 -13.61 6.14 -24.58
C ILE A 205 -13.05 5.44 -25.83
N LEU A 206 -12.56 4.20 -25.67
CA LEU A 206 -12.03 3.36 -26.75
C LEU A 206 -13.13 3.04 -27.75
N TYR A 207 -14.34 2.75 -27.25
CA TYR A 207 -15.47 2.43 -28.11
C TYR A 207 -15.82 3.63 -28.95
N ALA A 208 -15.94 4.79 -28.30
CA ALA A 208 -16.24 6.08 -28.91
C ALA A 208 -15.21 6.44 -29.99
N LEU A 209 -13.92 6.17 -29.73
CA LEU A 209 -12.86 6.44 -30.68
C LEU A 209 -12.97 5.57 -31.92
N LEU A 210 -13.31 4.28 -31.76
CA LEU A 210 -13.37 3.34 -32.89
C LEU A 210 -14.63 3.37 -33.70
N CYS A 211 -15.79 3.63 -33.03
CA CYS A 211 -17.13 3.58 -33.61
C CYS A 211 -17.77 4.90 -33.87
N GLY A 212 -17.30 5.94 -33.17
CA GLY A 212 -17.86 7.29 -33.30
C GLY A 212 -19.18 7.47 -32.57
N THR A 213 -19.63 6.44 -31.80
CA THR A 213 -20.88 6.46 -31.00
C THR A 213 -20.61 5.96 -29.57
N LEU A 214 -21.65 5.96 -28.71
CA LEU A 214 -21.52 5.45 -27.35
C LEU A 214 -21.94 3.99 -27.28
N PRO A 215 -21.23 3.12 -26.51
CA PRO A 215 -21.64 1.70 -26.46
C PRO A 215 -22.91 1.50 -25.66
N PHE A 216 -23.02 2.23 -24.55
CA PHE A 216 -24.14 2.25 -23.63
C PHE A 216 -24.76 3.61 -23.77
N ASP A 217 -25.96 3.63 -24.37
CA ASP A 217 -26.73 4.82 -24.69
C ASP A 217 -28.18 4.44 -25.00
N ASP A 218 -29.09 5.28 -24.49
CA ASP A 218 -30.54 5.18 -24.63
C ASP A 218 -31.20 6.43 -24.08
N ASP A 219 -32.34 6.83 -24.68
CA ASP A 219 -33.09 7.98 -24.20
C ASP A 219 -33.80 7.53 -22.95
N HIS A 220 -34.37 6.30 -22.99
CA HIS A 220 -35.04 5.64 -21.87
C HIS A 220 -33.94 5.26 -20.86
N VAL A 221 -33.74 6.13 -19.84
CA VAL A 221 -32.74 5.98 -18.78
C VAL A 221 -32.75 4.55 -18.16
N PRO A 222 -33.91 3.97 -17.77
CA PRO A 222 -33.90 2.61 -17.23
C PRO A 222 -33.32 1.54 -18.14
N THR A 223 -33.55 1.62 -19.48
CA THR A 223 -32.98 0.65 -20.42
C THR A 223 -31.50 0.91 -20.65
N LEU A 224 -31.03 2.15 -20.36
CA LEU A 224 -29.61 2.49 -20.45
C LEU A 224 -28.91 1.76 -19.29
N PHE A 225 -29.40 1.99 -18.07
CA PHE A 225 -28.88 1.41 -16.83
C PHE A 225 -28.96 -0.11 -16.83
N LYS A 226 -30.02 -0.69 -17.46
CA LYS A 226 -30.17 -2.13 -17.58
C LYS A 226 -28.99 -2.65 -18.39
N LYS A 227 -28.76 -2.06 -19.60
CA LYS A 227 -27.68 -2.41 -20.52
C LYS A 227 -26.29 -2.29 -19.86
N ILE A 228 -26.07 -1.21 -19.07
CA ILE A 228 -24.81 -0.93 -18.35
C ILE A 228 -24.52 -2.03 -17.34
N CYS A 229 -25.54 -2.43 -16.57
CA CYS A 229 -25.39 -3.45 -15.55
C CYS A 229 -25.45 -4.84 -16.12
N ASP A 230 -25.86 -4.94 -17.38
CA ASP A 230 -25.87 -6.20 -18.11
C ASP A 230 -24.67 -6.27 -19.05
N GLY A 231 -23.82 -5.23 -19.01
CA GLY A 231 -22.59 -5.06 -19.79
C GLY A 231 -22.72 -5.42 -21.25
N ILE A 232 -23.94 -5.30 -21.76
CA ILE A 232 -24.32 -5.67 -23.10
C ILE A 232 -24.36 -4.45 -24.03
N PHE A 233 -23.53 -4.51 -25.10
CA PHE A 233 -23.38 -3.47 -26.11
C PHE A 233 -23.24 -4.06 -27.52
N TYR A 234 -23.31 -3.19 -28.56
CA TYR A 234 -23.18 -3.60 -29.95
C TYR A 234 -21.74 -3.48 -30.42
N THR A 235 -21.29 -4.44 -31.24
CA THR A 235 -19.96 -4.43 -31.83
C THR A 235 -20.13 -4.39 -33.35
N PRO A 236 -20.04 -3.20 -33.98
CA PRO A 236 -20.23 -3.14 -35.45
C PRO A 236 -19.29 -4.06 -36.24
N GLN A 237 -19.75 -4.54 -37.40
CA GLN A 237 -18.98 -5.45 -38.26
C GLN A 237 -17.55 -4.99 -38.58
N TYR A 238 -17.34 -3.66 -38.73
CA TYR A 238 -16.04 -3.07 -39.06
C TYR A 238 -14.99 -3.20 -37.97
N LEU A 239 -15.41 -3.42 -36.72
CA LEU A 239 -14.52 -3.59 -35.57
C LEU A 239 -13.61 -4.83 -35.65
N ASN A 240 -12.31 -4.65 -35.34
CA ASN A 240 -11.30 -5.71 -35.34
C ASN A 240 -11.56 -6.65 -34.15
N PRO A 241 -11.69 -7.99 -34.37
CA PRO A 241 -11.93 -8.91 -33.25
C PRO A 241 -10.98 -8.75 -32.06
N SER A 242 -9.70 -8.40 -32.32
CA SER A 242 -8.72 -8.16 -31.26
C SER A 242 -9.14 -6.97 -30.36
N VAL A 243 -9.66 -5.89 -30.97
CA VAL A 243 -10.11 -4.79 -30.13
C VAL A 243 -11.45 -5.17 -29.49
N ILE A 244 -12.25 -6.03 -30.16
CA ILE A 244 -13.52 -6.52 -29.59
C ILE A 244 -13.20 -7.35 -28.33
N SER A 245 -12.05 -8.05 -28.35
CA SER A 245 -11.62 -8.84 -27.21
C SER A 245 -11.16 -7.92 -26.09
N LEU A 246 -10.50 -6.80 -26.44
CA LEU A 246 -10.05 -5.84 -25.46
C LEU A 246 -11.26 -5.15 -24.79
N LEU A 247 -12.25 -4.73 -25.59
CA LEU A 247 -13.45 -4.07 -25.08
C LEU A 247 -14.23 -5.02 -24.19
N LYS A 248 -14.40 -6.30 -24.61
CA LYS A 248 -15.15 -7.29 -23.82
C LYS A 248 -14.51 -7.47 -22.43
N HIS A 249 -13.15 -7.40 -22.36
CA HIS A 249 -12.37 -7.51 -21.12
C HIS A 249 -12.48 -6.27 -20.26
N MET A 250 -12.41 -5.08 -20.86
CA MET A 250 -12.50 -3.80 -20.15
C MET A 250 -13.92 -3.51 -19.66
N LEU A 251 -14.96 -3.93 -20.42
CA LEU A 251 -16.35 -3.65 -20.05
C LEU A 251 -17.04 -4.86 -19.38
N GLN A 252 -16.34 -5.41 -18.37
CA GLN A 252 -16.80 -6.50 -17.52
C GLN A 252 -17.66 -5.90 -16.41
N VAL A 253 -18.86 -6.45 -16.16
CA VAL A 253 -19.72 -5.92 -15.08
C VAL A 253 -19.13 -6.25 -13.69
N ASP A 254 -18.41 -7.39 -13.57
CA ASP A 254 -17.75 -7.80 -12.34
C ASP A 254 -16.37 -7.15 -12.33
N PRO A 255 -16.06 -6.30 -11.32
CA PRO A 255 -14.73 -5.68 -11.28
C PRO A 255 -13.61 -6.70 -11.15
N MET A 256 -13.87 -7.82 -10.46
CA MET A 256 -12.90 -8.91 -10.29
C MET A 256 -12.52 -9.59 -11.61
N LYS A 257 -13.40 -9.49 -12.64
CA LYS A 257 -13.22 -10.03 -13.99
C LYS A 257 -12.72 -8.95 -14.99
N ARG A 258 -12.73 -7.66 -14.58
CA ARG A 258 -12.30 -6.52 -15.40
C ARG A 258 -10.79 -6.47 -15.66
N ALA A 259 -10.38 -5.90 -16.80
CA ALA A 259 -8.99 -5.74 -17.19
C ALA A 259 -8.27 -4.75 -16.27
N THR A 260 -7.03 -5.07 -15.94
CA THR A 260 -6.16 -4.22 -15.11
C THR A 260 -5.31 -3.46 -16.11
N ILE A 261 -4.66 -2.34 -15.70
CA ILE A 261 -3.79 -1.62 -16.65
C ILE A 261 -2.71 -2.60 -17.18
N LYS A 262 -2.25 -3.54 -16.31
CA LYS A 262 -1.30 -4.58 -16.66
C LYS A 262 -1.87 -5.52 -17.71
N ASP A 263 -3.15 -5.88 -17.59
CA ASP A 263 -3.85 -6.76 -18.56
C ASP A 263 -4.02 -6.06 -19.92
N ILE A 264 -4.27 -4.73 -19.90
CA ILE A 264 -4.39 -3.94 -21.14
C ILE A 264 -3.00 -3.84 -21.82
N ARG A 265 -1.96 -3.49 -21.03
CA ARG A 265 -0.56 -3.35 -21.47
C ARG A 265 -0.07 -4.63 -22.18
N GLU A 266 -0.53 -5.80 -21.72
CA GLU A 266 -0.19 -7.14 -22.20
C GLU A 266 -0.98 -7.50 -23.47
N HIS A 267 -2.09 -6.81 -23.74
CA HIS A 267 -2.96 -7.11 -24.87
C HIS A 267 -2.32 -6.89 -26.23
N GLU A 268 -2.57 -7.80 -27.16
CA GLU A 268 -2.01 -7.77 -28.53
C GLU A 268 -2.47 -6.55 -29.36
N TRP A 269 -3.66 -5.98 -29.09
CA TRP A 269 -4.12 -4.83 -29.85
C TRP A 269 -3.41 -3.58 -29.36
N PHE A 270 -3.32 -3.42 -28.02
CA PHE A 270 -2.68 -2.29 -27.34
C PHE A 270 -1.21 -2.14 -27.74
N LYS A 271 -0.44 -3.22 -27.51
CA LYS A 271 1.01 -3.38 -27.76
C LYS A 271 1.47 -2.93 -29.15
N GLN A 272 0.63 -3.18 -30.17
CA GLN A 272 0.89 -2.89 -31.58
C GLN A 272 1.28 -1.43 -31.74
N ASP A 273 2.50 -1.18 -32.23
CA ASP A 273 3.10 0.13 -32.51
C ASP A 273 3.19 1.07 -31.28
N LEU A 274 3.14 0.51 -30.06
CA LEU A 274 3.17 1.27 -28.81
C LEU A 274 4.47 2.06 -28.62
N PRO A 275 4.40 3.43 -28.58
CA PRO A 275 5.61 4.23 -28.37
C PRO A 275 6.29 3.98 -27.03
N LYS A 276 7.60 4.21 -27.07
CA LYS A 276 8.59 4.02 -26.01
C LYS A 276 8.32 4.92 -24.79
N TYR A 277 8.09 6.24 -25.01
CA TYR A 277 7.94 7.29 -23.98
C TYR A 277 6.80 7.07 -22.97
N LEU A 278 5.70 6.41 -23.38
CA LEU A 278 4.61 6.11 -22.47
C LEU A 278 5.03 4.83 -21.75
N PHE A 279 4.71 4.69 -20.45
CA PHE A 279 5.06 3.49 -19.65
C PHE A 279 6.57 3.21 -19.53
N ALA A 396 -6.97 -24.62 4.98
CA ALA A 396 -6.17 -23.42 5.23
C ALA A 396 -6.97 -22.16 4.93
N LYS A 397 -8.32 -22.24 4.99
CA LYS A 397 -9.25 -21.15 4.63
C LYS A 397 -9.24 -19.94 5.56
N TRP A 398 -8.80 -18.79 5.03
CA TRP A 398 -8.76 -17.53 5.78
C TRP A 398 -10.09 -16.86 5.65
N HIS A 399 -10.50 -16.07 6.66
CA HIS A 399 -11.78 -15.37 6.64
C HIS A 399 -11.65 -13.90 7.05
N LEU A 400 -12.33 -13.00 6.35
CA LEU A 400 -12.32 -11.59 6.73
C LEU A 400 -13.34 -11.39 7.84
N GLY A 401 -12.89 -10.79 8.94
CA GLY A 401 -13.71 -10.51 10.12
C GLY A 401 -14.55 -11.67 10.61
N ILE A 402 -15.73 -11.35 11.20
CA ILE A 402 -16.71 -12.31 11.72
C ILE A 402 -18.07 -12.08 11.07
N ARG A 403 -18.80 -13.18 10.74
CA ARG A 403 -20.09 -13.08 10.05
C ARG A 403 -21.31 -13.53 10.88
N SER A 404 -21.96 -12.56 11.57
CA SER A 404 -23.15 -12.80 12.38
C SER A 404 -24.42 -12.58 11.53
N GLN A 405 -25.35 -13.55 11.56
CA GLN A 405 -26.59 -13.55 10.78
C GLN A 405 -27.76 -12.75 11.39
N SER A 406 -27.57 -12.15 12.59
CA SER A 406 -28.58 -11.35 13.31
C SER A 406 -29.00 -10.05 12.59
N ARG A 407 -29.92 -9.27 13.20
CA ARG A 407 -30.41 -7.99 12.67
C ARG A 407 -29.29 -6.94 12.74
N PRO A 408 -28.94 -6.25 11.62
CA PRO A 408 -27.83 -5.26 11.65
C PRO A 408 -27.90 -4.19 12.75
N ASN A 409 -29.12 -3.75 13.14
CA ASN A 409 -29.36 -2.78 14.21
C ASN A 409 -29.04 -3.43 15.57
N ASP A 410 -29.28 -4.76 15.68
CA ASP A 410 -29.02 -5.59 16.86
C ASP A 410 -27.54 -5.97 16.97
N ILE A 411 -26.84 -6.18 15.81
CA ILE A 411 -25.40 -6.52 15.77
C ILE A 411 -24.61 -5.30 16.28
N MET A 412 -25.00 -4.08 15.82
CA MET A 412 -24.39 -2.81 16.24
C MET A 412 -24.56 -2.59 17.77
N ALA A 413 -25.74 -2.95 18.31
CA ALA A 413 -26.05 -2.85 19.74
C ALA A 413 -25.24 -3.89 20.54
N GLU A 414 -24.99 -5.06 19.91
CA GLU A 414 -24.22 -6.18 20.47
C GLU A 414 -22.73 -5.82 20.54
N VAL A 415 -22.16 -5.23 19.44
CA VAL A 415 -20.75 -4.85 19.37
C VAL A 415 -20.47 -3.70 20.35
N CYS A 416 -21.45 -2.79 20.57
CA CYS A 416 -21.34 -1.69 21.53
C CYS A 416 -21.36 -2.23 22.95
N ARG A 417 -22.17 -3.28 23.18
CA ARG A 417 -22.28 -3.98 24.46
C ARG A 417 -21.00 -4.77 24.73
N ALA A 418 -20.24 -5.09 23.66
CA ALA A 418 -18.98 -5.83 23.73
C ALA A 418 -17.77 -4.92 23.90
N ILE A 419 -17.73 -3.77 23.18
CA ILE A 419 -16.63 -2.80 23.22
C ILE A 419 -16.56 -2.11 24.59
N LYS A 420 -17.72 -1.67 25.14
CA LYS A 420 -17.81 -1.03 26.45
C LYS A 420 -17.44 -2.03 27.57
N GLN A 421 -17.75 -3.33 27.38
CA GLN A 421 -17.44 -4.41 28.34
C GLN A 421 -15.93 -4.71 28.37
N LEU A 422 -15.14 -3.98 27.56
CA LEU A 422 -13.69 -4.10 27.43
C LEU A 422 -12.94 -2.79 27.82
N ASP A 423 -13.69 -1.74 28.24
CA ASP A 423 -13.21 -0.43 28.65
C ASP A 423 -12.40 0.27 27.54
N TYR A 424 -13.05 0.46 26.37
CA TYR A 424 -12.47 1.12 25.20
C TYR A 424 -13.29 2.38 24.89
N GLU A 425 -12.63 3.50 24.55
CA GLU A 425 -13.27 4.77 24.17
C GLU A 425 -13.48 4.78 22.65
N TRP A 426 -14.69 5.15 22.17
CA TRP A 426 -14.98 5.16 20.73
C TRP A 426 -15.73 6.42 20.23
N LYS A 427 -16.10 6.42 18.92
CA LYS A 427 -16.85 7.48 18.23
C LYS A 427 -17.73 6.86 17.14
N VAL A 428 -19.07 7.00 17.27
CA VAL A 428 -20.05 6.44 16.31
C VAL A 428 -20.25 7.38 15.10
N VAL A 429 -19.58 7.07 13.97
CA VAL A 429 -19.69 7.87 12.75
C VAL A 429 -21.01 7.49 12.05
N ASN A 430 -21.00 6.43 11.22
CA ASN A 430 -22.20 5.93 10.54
C ASN A 430 -22.93 5.02 11.52
N PRO A 431 -24.21 4.61 11.28
CA PRO A 431 -24.83 3.63 12.18
C PRO A 431 -24.31 2.22 11.88
N TYR A 432 -23.20 2.14 11.11
CA TYR A 432 -22.51 0.92 10.69
C TYR A 432 -20.97 1.03 10.79
N TYR A 433 -20.45 2.26 11.02
CA TYR A 433 -19.02 2.57 11.16
C TYR A 433 -18.74 3.13 12.57
N LEU A 434 -17.72 2.56 13.25
CA LEU A 434 -17.26 2.93 14.60
C LEU A 434 -15.73 3.08 14.62
N ARG A 435 -15.21 4.11 15.32
CA ARG A 435 -13.77 4.37 15.47
C ARG A 435 -13.37 4.27 16.96
N VAL A 436 -12.75 3.13 17.34
CA VAL A 436 -12.40 2.82 18.73
C VAL A 436 -10.87 2.90 19.05
N ARG A 437 -10.57 3.41 20.27
CA ARG A 437 -9.25 3.60 20.87
C ARG A 437 -9.11 2.80 22.17
N ARG A 438 -7.89 2.31 22.47
CA ARG A 438 -7.56 1.51 23.66
C ARG A 438 -6.27 2.01 24.33
N LYS A 439 -6.33 2.23 25.65
CA LYS A 439 -5.18 2.66 26.44
C LYS A 439 -4.38 1.41 26.83
N ASN A 440 -3.11 1.35 26.44
CA ASN A 440 -2.23 0.22 26.75
C ASN A 440 -1.85 0.24 28.23
N PRO A 441 -1.99 -0.88 28.98
CA PRO A 441 -1.63 -0.85 30.40
C PRO A 441 -0.12 -0.90 30.69
N VAL A 442 0.69 -1.28 29.68
CA VAL A 442 2.16 -1.43 29.81
C VAL A 442 2.93 -0.28 29.16
N THR A 443 2.90 -0.15 27.80
CA THR A 443 3.61 0.91 27.07
C THR A 443 2.98 2.29 27.28
N SER A 444 1.73 2.32 27.83
CA SER A 444 0.93 3.51 28.12
C SER A 444 0.75 4.38 26.87
N THR A 445 0.45 3.70 25.73
CA THR A 445 0.25 4.30 24.41
C THR A 445 -1.16 3.99 23.90
N PHE A 446 -1.82 4.98 23.30
CA PHE A 446 -3.16 4.82 22.74
C PHE A 446 -3.02 4.15 21.37
N SER A 447 -3.85 3.11 21.10
CA SER A 447 -3.85 2.35 19.84
C SER A 447 -5.26 2.37 19.23
N LYS A 448 -5.38 2.80 17.95
CA LYS A 448 -6.68 2.92 17.29
C LYS A 448 -6.94 1.86 16.23
N MET A 449 -8.24 1.54 16.03
CA MET A 449 -8.77 0.61 15.01
C MET A 449 -10.23 0.94 14.66
N SER A 450 -10.64 0.71 13.41
CA SER A 450 -12.01 1.00 12.97
C SER A 450 -12.82 -0.25 12.65
N LEU A 451 -14.13 -0.19 12.93
CA LEU A 451 -15.05 -1.30 12.68
C LEU A 451 -16.11 -0.86 11.72
N GLN A 452 -16.42 -1.73 10.74
CA GLN A 452 -17.44 -1.48 9.73
C GLN A 452 -18.21 -2.77 9.48
N LEU A 453 -19.54 -2.69 9.43
CA LEU A 453 -20.38 -3.85 9.15
C LEU A 453 -20.90 -3.74 7.74
N TYR A 454 -20.61 -4.77 6.93
CA TYR A 454 -21.06 -4.84 5.54
C TYR A 454 -22.21 -5.85 5.47
N GLN A 455 -22.60 -6.26 4.24
CA GLN A 455 -23.65 -7.24 3.99
C GLN A 455 -23.19 -8.21 2.90
N VAL A 456 -22.97 -9.49 3.26
CA VAL A 456 -22.52 -10.51 2.30
C VAL A 456 -23.71 -11.04 1.50
N ASP A 457 -24.53 -11.92 2.11
CA ASP A 457 -25.71 -12.52 1.51
C ASP A 457 -26.91 -11.61 1.72
N SER A 458 -28.07 -12.15 1.38
CA SER A 458 -29.38 -11.54 1.62
C SER A 458 -29.70 -11.99 3.05
N ARG A 459 -29.04 -13.11 3.48
CA ARG A 459 -29.15 -13.78 4.78
C ARG A 459 -28.09 -13.34 5.80
N THR A 460 -26.78 -13.31 5.43
CA THR A 460 -25.71 -12.95 6.38
C THR A 460 -25.05 -11.57 6.14
N TYR A 461 -24.52 -10.98 7.25
CA TYR A 461 -23.80 -9.71 7.38
C TYR A 461 -22.45 -10.00 8.02
N LEU A 462 -21.39 -9.20 7.72
CA LEU A 462 -20.10 -9.45 8.37
C LEU A 462 -19.45 -8.15 8.89
N LEU A 463 -18.76 -8.27 10.04
CA LEU A 463 -18.05 -7.18 10.72
C LEU A 463 -16.55 -7.22 10.39
N ASP A 464 -16.05 -6.12 9.78
CA ASP A 464 -14.66 -5.96 9.36
C ASP A 464 -13.83 -5.10 10.33
N PHE A 465 -12.57 -5.49 10.55
CA PHE A 465 -11.65 -4.81 11.45
C PHE A 465 -10.48 -4.19 10.66
N ARG A 466 -10.37 -2.86 10.69
CA ARG A 466 -9.30 -2.11 10.01
C ARG A 466 -8.35 -1.44 11.00
N SER A 467 -7.05 -1.49 10.71
CA SER A 467 -6.00 -0.90 11.55
C SER A 467 -5.82 0.59 11.23
N ILE A 468 -5.62 1.41 12.29
CA ILE A 468 -5.42 2.87 12.19
C ILE A 468 -4.02 3.25 12.70
N ASP A 469 -3.19 3.81 11.79
CA ASP A 469 -1.81 4.20 12.07
C ASP A 469 -1.73 5.41 13.01
N PRO A 483 7.97 1.72 22.65
CA PRO A 483 6.66 1.07 22.49
C PRO A 483 6.73 -0.43 22.18
N GLY A 484 5.57 -1.03 21.92
CA GLY A 484 5.39 -2.43 21.52
C GLY A 484 4.94 -2.48 20.06
N SER A 485 4.66 -3.69 19.52
CA SER A 485 4.24 -3.85 18.12
C SER A 485 2.81 -3.35 17.83
N HIS A 486 2.69 -2.35 16.92
CA HIS A 486 1.40 -1.79 16.50
C HIS A 486 0.50 -2.85 15.88
N THR A 487 1.07 -3.71 15.03
CA THR A 487 0.34 -4.78 14.35
C THR A 487 -0.20 -5.79 15.36
N ILE A 488 0.64 -6.22 16.33
CA ILE A 488 0.27 -7.21 17.36
C ILE A 488 -0.76 -6.64 18.31
N GLU A 489 -0.58 -5.36 18.71
CA GLU A 489 -1.51 -4.66 19.59
C GLU A 489 -2.91 -4.66 18.97
N PHE A 490 -2.96 -4.52 17.63
CA PHE A 490 -4.18 -4.55 16.82
C PHE A 490 -4.79 -5.95 16.88
N PHE A 491 -3.99 -7.00 16.64
CA PHE A 491 -4.44 -8.39 16.68
C PHE A 491 -5.06 -8.72 18.02
N GLU A 492 -4.36 -8.35 19.12
CA GLU A 492 -4.82 -8.57 20.48
C GLU A 492 -6.12 -7.78 20.75
N MET A 493 -6.20 -6.53 20.25
CA MET A 493 -7.38 -5.70 20.39
C MET A 493 -8.61 -6.37 19.77
N CYS A 494 -8.47 -6.85 18.53
CA CYS A 494 -9.53 -7.53 17.78
C CYS A 494 -9.94 -8.85 18.44
N ALA A 495 -8.94 -9.72 18.74
CA ALA A 495 -9.13 -11.04 19.34
C ALA A 495 -10.11 -11.05 20.50
N ASN A 496 -9.94 -10.11 21.46
CA ASN A 496 -10.80 -9.98 22.64
C ASN A 496 -12.28 -9.93 22.26
N LEU A 497 -12.61 -9.04 21.27
CA LEU A 497 -13.96 -8.81 20.72
C LEU A 497 -14.57 -10.08 20.13
N ILE A 498 -13.77 -10.79 19.30
CA ILE A 498 -14.15 -12.02 18.60
C ILE A 498 -14.47 -13.14 19.61
N LYS A 499 -13.62 -13.29 20.66
CA LYS A 499 -13.78 -14.29 21.72
C LYS A 499 -15.14 -14.19 22.41
N ILE A 500 -15.80 -13.03 22.27
CA ILE A 500 -17.12 -12.77 22.80
C ILE A 500 -18.05 -12.32 21.67
N LEU A 501 -18.02 -13.06 20.52
CA LEU A 501 -18.88 -12.74 19.36
C LEU A 501 -19.20 -13.95 18.44
N ALA A 502 -20.22 -13.74 17.53
CA ALA A 502 -20.86 -14.69 16.59
C ALA A 502 -20.24 -14.85 15.17
N GLN A 503 -19.75 -16.09 14.88
CA GLN A 503 -19.16 -16.59 13.63
C GLN A 503 -17.98 -15.77 13.10
N ARG B 12 0.54 41.18 -4.99
CA ARG B 12 -0.59 41.51 -4.10
C ARG B 12 -1.96 41.72 -4.87
N PRO B 13 -2.43 40.77 -5.76
CA PRO B 13 -3.67 41.04 -6.53
C PRO B 13 -4.99 40.87 -5.79
N THR B 14 -5.93 41.78 -6.04
CA THR B 14 -7.26 41.74 -5.42
C THR B 14 -8.31 41.78 -6.50
N VAL B 15 -9.36 40.95 -6.36
CA VAL B 15 -10.45 40.91 -7.35
C VAL B 15 -11.60 41.85 -6.93
N PHE B 16 -12.09 42.65 -7.89
CA PHE B 16 -13.22 43.54 -7.71
C PHE B 16 -14.27 43.10 -8.70
N ARG B 17 -15.46 42.71 -8.21
CA ARG B 17 -16.52 42.19 -9.08
C ARG B 17 -17.91 42.75 -8.75
N TRP B 18 -18.62 43.23 -9.80
CA TRP B 18 -19.95 43.79 -9.68
C TRP B 18 -20.95 42.85 -10.31
N THR B 19 -21.71 42.13 -9.47
CA THR B 19 -22.75 41.20 -9.90
C THR B 19 -24.03 41.99 -9.99
N GLY B 20 -24.34 42.37 -11.22
CA GLY B 20 -25.49 43.17 -11.62
C GLY B 20 -25.25 43.60 -13.04
N GLY B 21 -26.26 44.21 -13.65
CA GLY B 21 -26.16 44.69 -15.03
C GLY B 21 -25.73 46.13 -15.09
N GLY B 22 -25.45 46.60 -16.31
CA GLY B 22 -25.04 47.97 -16.57
C GLY B 22 -24.43 48.23 -17.93
N LYS B 23 -24.63 49.46 -18.44
CA LYS B 23 -24.06 49.94 -19.69
C LYS B 23 -22.62 50.35 -19.41
N GLU B 24 -22.36 50.92 -18.22
CA GLU B 24 -21.01 51.30 -17.76
C GLU B 24 -20.92 51.31 -16.24
N VAL B 25 -19.91 50.57 -15.72
CA VAL B 25 -19.62 50.40 -14.29
C VAL B 25 -18.15 50.80 -14.05
N TYR B 26 -17.90 51.55 -12.96
CA TYR B 26 -16.55 52.00 -12.57
C TYR B 26 -16.26 51.70 -11.11
N LEU B 27 -14.97 51.69 -10.75
CA LEU B 27 -14.53 51.45 -9.39
C LEU B 27 -13.66 52.61 -8.91
N SER B 28 -14.09 53.30 -7.85
CA SER B 28 -13.35 54.40 -7.21
C SER B 28 -12.87 53.84 -5.90
N GLY B 29 -11.64 54.13 -5.51
CA GLY B 29 -11.07 53.60 -4.28
C GLY B 29 -9.98 54.44 -3.68
N SER B 30 -9.70 54.24 -2.38
CA SER B 30 -8.63 54.93 -1.66
C SER B 30 -7.32 54.68 -2.42
N PHE B 31 -7.07 53.39 -2.79
CA PHE B 31 -5.94 52.88 -3.57
C PHE B 31 -5.71 53.58 -4.93
N ASN B 32 -6.74 54.21 -5.54
CA ASN B 32 -6.56 54.89 -6.83
C ASN B 32 -6.93 56.36 -6.78
N ASN B 33 -6.85 56.97 -5.57
CA ASN B 33 -7.20 58.36 -5.33
C ASN B 33 -8.60 58.68 -5.87
N TRP B 34 -9.54 57.75 -5.65
CA TRP B 34 -10.93 57.84 -6.04
C TRP B 34 -11.14 58.26 -7.49
N SER B 35 -10.40 57.61 -8.40
CA SER B 35 -10.52 57.83 -9.85
C SER B 35 -11.37 56.73 -10.49
N LYS B 36 -12.29 57.10 -11.42
CA LYS B 36 -13.20 56.16 -12.08
C LYS B 36 -12.45 55.14 -12.98
N LEU B 37 -12.00 54.04 -12.39
CA LEU B 37 -11.34 52.96 -13.12
C LEU B 37 -12.47 52.06 -13.70
N PRO B 38 -12.49 51.75 -15.01
CA PRO B 38 -13.61 50.97 -15.55
C PRO B 38 -13.48 49.46 -15.43
N LEU B 39 -14.60 48.81 -15.13
CA LEU B 39 -14.70 47.37 -14.97
C LEU B 39 -15.13 46.74 -16.27
N THR B 40 -14.61 45.53 -16.56
CA THR B 40 -14.93 44.77 -17.77
C THR B 40 -16.09 43.80 -17.56
N ARG B 41 -17.09 43.84 -18.45
CA ARG B 41 -18.27 42.98 -18.40
C ARG B 41 -18.00 41.64 -19.06
N ASP B 42 -18.57 40.57 -18.48
CA ASP B 42 -18.56 39.21 -19.05
C ASP B 42 -20.04 38.85 -19.23
N GLN B 43 -20.75 38.63 -18.11
CA GLN B 43 -22.16 38.31 -18.16
C GLN B 43 -22.85 39.34 -17.28
N ASN B 44 -23.28 38.94 -16.08
CA ASN B 44 -23.88 39.83 -15.10
C ASN B 44 -22.75 40.24 -14.12
N ASN B 45 -21.46 39.98 -14.52
CA ASN B 45 -20.25 40.28 -13.74
C ASN B 45 -19.33 41.27 -14.44
N PHE B 46 -18.90 42.30 -13.68
CA PHE B 46 -18.00 43.36 -14.09
C PHE B 46 -16.81 43.27 -13.17
N VAL B 47 -15.65 42.95 -13.73
CA VAL B 47 -14.45 42.71 -12.93
C VAL B 47 -13.30 43.66 -13.18
N ALA B 48 -12.33 43.61 -12.27
CA ALA B 48 -11.06 44.30 -12.31
C ALA B 48 -10.18 43.67 -11.25
N ILE B 49 -8.97 43.26 -11.63
CA ILE B 49 -7.99 42.68 -10.69
C ILE B 49 -6.88 43.71 -10.59
N LEU B 50 -6.48 44.07 -9.36
CA LEU B 50 -5.44 45.07 -9.12
C LEU B 50 -4.61 44.79 -7.87
N ASP B 51 -3.30 45.11 -7.91
CA ASP B 51 -2.40 44.90 -6.78
C ASP B 51 -2.61 45.97 -5.72
N LEU B 52 -2.86 45.54 -4.46
CA LEU B 52 -3.08 46.45 -3.33
C LEU B 52 -2.16 46.12 -2.14
N PRO B 53 -1.65 47.12 -1.40
CA PRO B 53 -0.82 46.81 -0.22
C PRO B 53 -1.65 46.15 0.90
N GLU B 54 -1.06 45.19 1.65
CA GLU B 54 -1.73 44.53 2.78
C GLU B 54 -2.12 45.56 3.87
N GLY B 55 -3.37 46.04 3.79
CA GLY B 55 -3.93 47.03 4.70
C GLY B 55 -5.41 47.30 4.46
N GLU B 56 -5.95 48.37 5.07
CA GLU B 56 -7.36 48.75 4.90
C GLU B 56 -7.55 49.64 3.68
N HIS B 57 -8.57 49.33 2.84
CA HIS B 57 -8.88 50.10 1.64
C HIS B 57 -10.38 50.32 1.47
N GLN B 58 -10.77 51.57 1.18
CA GLN B 58 -12.17 51.89 0.96
C GLN B 58 -12.43 52.05 -0.52
N TYR B 59 -13.63 51.66 -0.97
CA TYR B 59 -14.03 51.71 -2.38
C TYR B 59 -15.54 51.84 -2.60
N LYS B 60 -15.92 52.41 -3.75
CA LYS B 60 -17.30 52.57 -4.15
C LYS B 60 -17.41 52.25 -5.64
N PHE B 61 -18.64 52.04 -6.13
CA PHE B 61 -18.88 51.74 -7.54
C PHE B 61 -19.69 52.82 -8.23
N PHE B 62 -19.41 53.06 -9.51
CA PHE B 62 -20.18 54.00 -10.30
C PHE B 62 -20.95 53.28 -11.40
N VAL B 63 -22.02 52.61 -10.99
CA VAL B 63 -22.88 51.81 -11.86
C VAL B 63 -23.89 52.71 -12.54
N ASP B 64 -23.77 52.87 -13.87
CA ASP B 64 -24.65 53.67 -14.74
C ASP B 64 -25.22 54.95 -14.13
N GLY B 65 -24.33 55.90 -13.86
CA GLY B 65 -24.69 57.20 -13.29
C GLY B 65 -25.15 57.21 -11.84
N GLN B 66 -24.81 56.17 -11.06
CA GLN B 66 -25.20 56.07 -9.66
C GLN B 66 -24.09 55.50 -8.81
N TRP B 67 -23.82 56.16 -7.70
CA TRP B 67 -22.79 55.73 -6.76
C TRP B 67 -23.39 54.74 -5.80
N THR B 68 -22.75 53.57 -5.63
CA THR B 68 -23.23 52.52 -4.71
C THR B 68 -22.08 51.73 -4.15
N HIS B 69 -22.41 50.86 -3.20
CA HIS B 69 -21.48 49.91 -2.62
C HIS B 69 -22.08 48.52 -2.86
N ASP B 70 -21.27 47.46 -2.74
CA ASP B 70 -21.76 46.08 -2.87
C ASP B 70 -22.40 45.75 -1.51
N PRO B 71 -23.75 45.67 -1.42
CA PRO B 71 -24.39 45.42 -0.11
C PRO B 71 -23.92 44.15 0.60
N SER B 72 -23.52 43.13 -0.19
CA SER B 72 -23.02 41.84 0.29
C SER B 72 -21.63 41.94 0.92
N GLU B 73 -20.85 42.95 0.50
CA GLU B 73 -19.50 43.20 1.01
C GLU B 73 -19.50 44.13 2.24
N PRO B 74 -18.48 44.03 3.15
CA PRO B 74 -18.45 44.91 4.34
C PRO B 74 -18.34 46.40 4.04
N ILE B 75 -19.16 47.19 4.73
CA ILE B 75 -19.18 48.63 4.56
C ILE B 75 -18.59 49.31 5.79
N VAL B 76 -18.59 50.64 5.79
CA VAL B 76 -18.14 51.52 6.86
C VAL B 76 -18.82 52.84 6.64
N THR B 77 -19.58 53.31 7.64
CA THR B 77 -20.26 54.60 7.54
C THR B 77 -19.44 55.70 8.22
N SER B 78 -19.15 56.75 7.45
CA SER B 78 -18.36 57.89 7.87
C SER B 78 -19.10 58.78 8.84
N GLN B 79 -18.34 59.59 9.57
CA GLN B 79 -18.77 60.60 10.54
C GLN B 79 -19.67 61.64 9.79
N LEU B 80 -19.47 61.73 8.45
CA LEU B 80 -20.15 62.59 7.49
C LEU B 80 -21.26 61.84 6.73
N GLY B 81 -21.56 60.62 7.16
CA GLY B 81 -22.61 59.78 6.58
C GLY B 81 -22.32 59.27 5.19
N THR B 82 -21.04 58.95 4.93
CA THR B 82 -20.53 58.43 3.65
C THR B 82 -20.39 56.92 3.80
N VAL B 83 -21.08 56.13 2.96
CA VAL B 83 -20.99 54.67 3.01
C VAL B 83 -20.08 54.13 1.90
N ASN B 84 -18.89 53.66 2.28
CA ASN B 84 -17.97 53.06 1.30
C ASN B 84 -17.71 51.62 1.71
N ASN B 85 -17.44 50.75 0.74
CA ASN B 85 -17.09 49.38 1.08
C ASN B 85 -15.70 49.39 1.65
N ILE B 86 -15.41 48.43 2.49
CA ILE B 86 -14.10 48.27 3.11
C ILE B 86 -13.51 46.90 2.71
N ILE B 87 -12.19 46.84 2.59
CA ILE B 87 -11.50 45.60 2.27
C ILE B 87 -10.21 45.51 3.08
N GLN B 88 -10.10 44.41 3.84
CA GLN B 88 -8.91 44.12 4.64
C GLN B 88 -8.12 43.00 3.94
N VAL B 89 -7.12 43.41 3.14
CA VAL B 89 -6.27 42.46 2.43
C VAL B 89 -5.21 41.96 3.42
N LYS B 90 -5.45 40.74 3.94
CA LYS B 90 -4.64 40.05 4.95
C LYS B 90 -3.49 39.29 4.29
N LYS B 91 -2.37 39.09 5.01
CA LYS B 91 -1.22 38.35 4.46
C LYS B 91 -1.60 36.91 4.08
N THR B 92 -2.44 36.26 4.91
CA THR B 92 -2.95 34.90 4.73
C THR B 92 -3.75 34.72 3.41
N ASP B 93 -4.29 35.83 2.84
CA ASP B 93 -5.04 35.82 1.59
C ASP B 93 -4.14 35.59 0.37
N PHE B 94 -2.83 35.85 0.49
CA PHE B 94 -1.88 35.73 -0.61
C PHE B 94 -1.41 34.27 -0.93
N GLU B 95 -1.04 33.46 0.10
CA GLU B 95 -0.56 32.08 -0.08
C GLU B 95 -1.71 31.07 0.01
N VAL B 96 -1.88 30.31 -1.08
CA VAL B 96 -2.93 29.31 -1.35
C VAL B 96 -3.21 28.37 -0.18
N PHE B 97 -2.17 27.77 0.39
CA PHE B 97 -2.35 26.81 1.47
C PHE B 97 -2.70 27.45 2.79
N ASP B 98 -2.32 28.73 2.96
CA ASP B 98 -2.62 29.51 4.15
C ASP B 98 -4.10 29.97 4.07
N ALA B 99 -4.54 30.35 2.87
CA ALA B 99 -5.90 30.77 2.57
C ALA B 99 -6.89 29.61 2.68
N LEU B 100 -6.55 28.42 2.14
CA LEU B 100 -7.38 27.22 2.21
C LEU B 100 -7.58 26.74 3.65
N MET B 101 -6.58 26.99 4.52
CA MET B 101 -6.60 26.67 5.94
C MET B 101 -7.59 27.59 6.68
N VAL B 102 -7.49 28.92 6.44
CA VAL B 102 -8.36 29.89 7.10
C VAL B 102 -9.83 29.69 6.65
N ASP B 103 -10.02 29.23 5.40
CA ASP B 103 -11.33 28.96 4.78
C ASP B 103 -12.10 27.81 5.44
N SER B 104 -11.39 26.73 5.82
CA SER B 104 -11.97 25.52 6.44
C SER B 104 -12.60 25.74 7.83
N GLN B 105 -12.68 27.00 8.29
CA GLN B 105 -13.26 27.37 9.58
C GLN B 105 -14.34 28.43 9.40
N LYS B 135 -30.89 4.18 7.56
CA LYS B 135 -29.89 3.67 6.62
C LYS B 135 -29.79 2.13 6.65
N ALA B 136 -29.09 1.56 5.65
CA ALA B 136 -28.86 0.12 5.50
C ALA B 136 -27.34 -0.17 5.41
N PRO B 137 -26.84 -1.38 5.83
CA PRO B 137 -25.39 -1.63 5.78
C PRO B 137 -24.84 -1.70 4.34
N PRO B 138 -23.56 -1.29 4.10
CA PRO B 138 -23.01 -1.35 2.74
C PRO B 138 -22.85 -2.76 2.22
N ILE B 139 -22.80 -2.92 0.89
CA ILE B 139 -22.58 -4.24 0.32
C ILE B 139 -21.07 -4.44 0.31
N LEU B 140 -20.65 -5.63 0.78
CA LEU B 140 -19.26 -6.01 0.89
C LEU B 140 -18.55 -5.98 -0.47
N PRO B 141 -17.47 -5.16 -0.61
CA PRO B 141 -16.75 -5.13 -1.89
C PRO B 141 -15.99 -6.44 -2.13
N PRO B 142 -16.06 -7.04 -3.36
CA PRO B 142 -15.42 -8.36 -3.58
C PRO B 142 -13.89 -8.40 -3.42
N HIS B 143 -13.27 -7.21 -3.36
CA HIS B 143 -11.84 -7.01 -3.20
C HIS B 143 -11.37 -7.59 -1.87
N LEU B 144 -12.13 -7.38 -0.79
CA LEU B 144 -11.80 -7.89 0.53
C LEU B 144 -11.88 -9.42 0.64
N LEU B 145 -12.45 -10.07 -0.38
CA LEU B 145 -12.57 -11.53 -0.43
C LEU B 145 -11.36 -12.15 -1.14
N GLN B 146 -10.40 -11.31 -1.56
CA GLN B 146 -9.16 -11.74 -2.22
C GLN B 146 -8.00 -11.56 -1.26
N VAL B 147 -7.36 -12.67 -0.86
CA VAL B 147 -6.20 -12.71 0.05
C VAL B 147 -4.93 -13.11 -0.76
N ILE B 148 -3.73 -12.98 -0.15
CA ILE B 148 -2.45 -13.33 -0.79
C ILE B 148 -1.85 -14.64 -0.22
N LEU B 149 -2.32 -15.07 0.97
CA LEU B 149 -1.87 -16.26 1.69
C LEU B 149 -2.23 -17.59 1.04
N ASN B 150 -3.49 -17.71 0.54
CA ASN B 150 -3.98 -18.92 -0.11
C ASN B 150 -3.44 -19.08 -1.55
N LYS B 151 -3.69 -18.06 -2.41
CA LYS B 151 -3.25 -18.00 -3.81
C LYS B 151 -1.84 -17.42 -3.91
N SER B 156 9.04 -26.44 -4.59
CA SER B 156 8.31 -25.42 -5.34
C SER B 156 8.92 -24.04 -5.12
N CYS B 157 8.08 -23.07 -4.68
CA CYS B 157 8.49 -21.69 -4.42
C CYS B 157 8.77 -21.42 -2.93
N ASP B 158 9.29 -20.20 -2.61
CA ASP B 158 9.63 -19.77 -1.24
C ASP B 158 8.36 -19.59 -0.39
N PRO B 159 8.24 -20.28 0.79
CA PRO B 159 7.01 -20.15 1.59
C PRO B 159 6.80 -18.78 2.24
N ALA B 160 7.90 -18.02 2.45
CA ALA B 160 7.89 -16.69 3.04
C ALA B 160 7.36 -15.68 2.03
N LEU B 161 7.82 -15.74 0.77
CA LEU B 161 7.41 -14.85 -0.30
C LEU B 161 5.93 -14.94 -0.64
N LEU B 162 5.29 -13.78 -0.88
CA LEU B 162 3.85 -13.66 -1.17
C LEU B 162 3.55 -12.66 -2.30
N PRO B 163 2.34 -12.68 -2.95
CA PRO B 163 2.05 -11.67 -3.98
C PRO B 163 1.85 -10.27 -3.40
N GLU B 164 1.98 -9.25 -4.24
CA GLU B 164 1.75 -7.85 -3.83
C GLU B 164 0.22 -7.66 -3.64
N PRO B 165 -0.26 -7.23 -2.44
CA PRO B 165 -1.72 -7.10 -2.24
C PRO B 165 -2.32 -5.85 -2.90
N ASN B 166 -3.66 -5.76 -2.97
CA ASN B 166 -4.25 -4.52 -3.46
C ASN B 166 -4.24 -3.60 -2.27
N HIS B 167 -3.93 -2.30 -2.49
CA HIS B 167 -3.88 -1.29 -1.43
C HIS B 167 -5.10 -1.34 -0.49
N VAL B 168 -6.26 -1.67 -1.06
CA VAL B 168 -7.58 -1.71 -0.47
C VAL B 168 -7.78 -2.80 0.59
N MET B 169 -7.01 -3.91 0.52
CA MET B 169 -7.16 -5.01 1.48
C MET B 169 -6.14 -4.95 2.64
N LEU B 170 -5.24 -3.96 2.62
CA LEU B 170 -4.25 -3.72 3.67
C LEU B 170 -4.92 -3.27 4.97
N ASN B 171 -4.28 -3.52 6.13
CA ASN B 171 -4.77 -3.16 7.47
C ASN B 171 -6.07 -3.88 7.90
N HIS B 172 -6.63 -4.76 7.04
CA HIS B 172 -7.83 -5.53 7.37
C HIS B 172 -7.51 -6.80 8.10
N LEU B 173 -8.33 -7.15 9.10
CA LEU B 173 -8.12 -8.34 9.91
C LEU B 173 -8.79 -9.57 9.35
N TYR B 174 -7.98 -10.58 9.14
CA TYR B 174 -8.36 -11.90 8.67
C TYR B 174 -8.07 -12.89 9.79
N ALA B 175 -8.81 -13.99 9.82
CA ALA B 175 -8.68 -15.02 10.84
C ALA B 175 -9.07 -16.37 10.29
N LEU B 176 -8.41 -17.43 10.80
CA LEU B 176 -8.68 -18.81 10.44
C LEU B 176 -9.51 -19.38 11.57
N SER B 177 -10.45 -20.30 11.27
CA SER B 177 -11.35 -20.93 12.27
C SER B 177 -10.57 -21.40 13.52
N ILE B 178 -11.15 -21.20 14.73
CA ILE B 178 -10.48 -21.61 15.97
C ILE B 178 -10.51 -23.14 16.12
N LYS B 179 -9.34 -23.79 15.87
CA LYS B 179 -9.14 -25.24 16.00
C LYS B 179 -8.19 -25.50 17.16
N ASP B 180 -8.55 -26.46 18.03
CA ASP B 180 -7.78 -26.85 19.23
C ASP B 180 -7.64 -25.71 20.26
N GLY B 181 -8.70 -24.89 20.38
CA GLY B 181 -8.78 -23.78 21.31
C GLY B 181 -7.72 -22.69 21.15
N VAL B 182 -7.15 -22.57 19.93
CA VAL B 182 -6.14 -21.57 19.59
C VAL B 182 -6.57 -20.81 18.34
N MET B 183 -6.64 -19.49 18.48
CA MET B 183 -7.05 -18.51 17.48
C MET B 183 -5.88 -18.10 16.58
N VAL B 184 -6.11 -18.06 15.27
CA VAL B 184 -5.12 -17.65 14.27
C VAL B 184 -5.57 -16.30 13.68
N LEU B 185 -4.70 -15.28 13.68
CA LEU B 185 -5.03 -13.94 13.17
C LEU B 185 -4.03 -13.47 12.13
N SER B 186 -4.48 -12.78 11.09
CA SER B 186 -3.60 -12.30 10.03
C SER B 186 -3.98 -10.94 9.46
N ALA B 187 -2.98 -10.20 8.92
CA ALA B 187 -3.14 -8.89 8.26
C ALA B 187 -1.88 -8.48 7.53
N THR B 188 -2.04 -7.90 6.31
CA THR B 188 -0.91 -7.39 5.52
C THR B 188 -0.82 -5.90 5.76
N HIS B 189 0.40 -5.44 6.06
CA HIS B 189 0.70 -4.04 6.33
C HIS B 189 1.83 -3.62 5.44
N ARG B 190 2.02 -2.30 5.26
CA ARG B 190 3.14 -1.81 4.46
C ARG B 190 4.05 -0.90 5.25
N TYR B 191 5.36 -1.10 5.09
CA TYR B 191 6.45 -0.31 5.66
C TYR B 191 7.24 0.15 4.45
N LYS B 192 7.15 1.47 4.15
CA LYS B 192 7.75 2.11 2.98
C LYS B 192 7.17 1.47 1.67
N LYS B 193 8.01 0.95 0.75
CA LYS B 193 7.54 0.33 -0.50
C LYS B 193 7.57 -1.23 -0.46
N LYS B 194 7.52 -1.79 0.76
CA LYS B 194 7.53 -3.23 1.03
C LYS B 194 6.32 -3.57 1.91
N TYR B 195 5.82 -4.84 1.84
CA TYR B 195 4.66 -5.32 2.59
C TYR B 195 5.00 -6.53 3.47
N VAL B 196 4.36 -6.62 4.64
CA VAL B 196 4.57 -7.70 5.61
C VAL B 196 3.22 -8.23 6.12
N THR B 197 2.97 -9.53 5.90
CA THR B 197 1.75 -10.20 6.38
C THR B 197 2.10 -10.92 7.67
N THR B 198 1.60 -10.41 8.80
CA THR B 198 1.87 -10.95 10.13
C THR B 198 0.79 -11.96 10.54
N LEU B 199 1.21 -13.14 11.01
CA LEU B 199 0.35 -14.22 11.50
C LEU B 199 0.55 -14.34 13.00
N LEU B 200 -0.53 -14.16 13.78
CA LEU B 200 -0.43 -14.29 15.23
C LEU B 200 -1.13 -15.55 15.73
N TYR B 201 -0.37 -16.41 16.43
CA TYR B 201 -0.84 -17.64 17.04
C TYR B 201 -1.05 -17.32 18.52
N LYS B 202 -2.29 -16.98 18.87
CA LYS B 202 -2.67 -16.61 20.22
C LYS B 202 -3.70 -17.60 20.76
N PRO B 203 -3.47 -18.22 21.93
CA PRO B 203 -4.48 -19.13 22.48
C PRO B 203 -5.69 -18.37 23.02
N ILE B 204 -6.87 -19.02 23.07
CA ILE B 204 -8.09 -18.42 23.61
C ILE B 204 -8.76 -19.34 24.62
N TYR C 28 35.42 -4.25 0.43
CA TYR C 28 34.37 -5.27 0.46
C TYR C 28 33.41 -5.06 1.65
N THR C 29 33.97 -4.89 2.86
CA THR C 29 33.23 -4.67 4.11
C THR C 29 32.60 -3.26 4.10
N THR C 30 33.23 -2.33 3.37
CA THR C 30 32.80 -0.94 3.19
C THR C 30 31.40 -0.89 2.54
N PHE C 31 31.09 -1.92 1.72
CA PHE C 31 29.81 -2.11 1.03
C PHE C 31 28.71 -2.40 2.05
N MET C 32 29.04 -3.16 3.10
CA MET C 32 28.10 -3.54 4.15
C MET C 32 27.77 -2.38 5.07
N LYS C 33 28.81 -1.63 5.51
CA LYS C 33 28.70 -0.47 6.40
C LYS C 33 27.81 0.65 5.82
N SER C 34 27.58 0.62 4.49
CA SER C 34 26.79 1.60 3.72
C SER C 34 25.31 1.20 3.48
N HIS C 35 25.08 -0.04 2.99
CA HIS C 35 23.74 -0.57 2.67
C HIS C 35 22.85 -0.84 3.87
N ARG C 36 21.65 -0.22 3.89
CA ARG C 36 20.64 -0.36 4.94
C ARG C 36 19.95 -1.73 4.88
N CYS C 37 19.56 -2.29 6.05
CA CYS C 37 18.87 -3.57 6.22
C CYS C 37 17.63 -3.68 5.32
N TYR C 38 16.83 -2.60 5.27
CA TYR C 38 15.61 -2.47 4.49
C TYR C 38 15.75 -2.99 3.05
N ASP C 39 16.85 -2.61 2.34
CA ASP C 39 17.13 -3.02 0.96
C ASP C 39 17.03 -4.54 0.76
N LEU C 40 17.41 -5.33 1.78
CA LEU C 40 17.37 -6.79 1.75
C LEU C 40 16.00 -7.42 2.07
N ILE C 41 15.05 -6.63 2.64
CA ILE C 41 13.69 -7.11 2.94
C ILE C 41 12.93 -7.31 1.61
N PRO C 42 12.34 -8.51 1.35
CA PRO C 42 11.61 -8.72 0.09
C PRO C 42 10.33 -7.88 0.00
N THR C 43 9.92 -7.58 -1.25
CA THR C 43 8.77 -6.78 -1.64
C THR C 43 7.48 -7.18 -0.86
N SER C 44 7.21 -8.48 -0.70
CA SER C 44 6.08 -8.99 0.09
C SER C 44 6.45 -10.31 0.75
N SER C 45 6.45 -10.31 2.09
CA SER C 45 6.84 -11.47 2.91
C SER C 45 5.76 -11.87 3.93
N LYS C 46 5.97 -13.04 4.59
CA LYS C 46 5.10 -13.63 5.61
C LYS C 46 5.89 -13.75 6.91
N LEU C 47 5.31 -13.28 8.02
CA LEU C 47 5.95 -13.36 9.33
C LEU C 47 5.02 -14.07 10.27
N VAL C 48 5.54 -15.12 10.96
CA VAL C 48 4.74 -15.89 11.91
C VAL C 48 5.18 -15.57 13.33
N VAL C 49 4.25 -15.11 14.18
CA VAL C 49 4.51 -14.75 15.58
C VAL C 49 3.69 -15.63 16.51
N PHE C 50 4.35 -16.23 17.50
CA PHE C 50 3.65 -17.05 18.48
C PHE C 50 3.66 -16.31 19.80
N ASP C 51 2.50 -16.27 20.49
CA ASP C 51 2.41 -15.70 21.83
C ASP C 51 3.13 -16.70 22.74
N THR C 52 3.85 -16.23 23.77
CA THR C 52 4.56 -17.10 24.72
C THR C 52 3.61 -18.15 25.37
N SER C 53 2.32 -17.79 25.56
CA SER C 53 1.28 -18.64 26.16
C SER C 53 0.77 -19.79 25.25
N LEU C 54 1.28 -19.88 24.02
CA LEU C 54 0.86 -20.93 23.12
C LEU C 54 1.52 -22.24 23.53
N GLN C 55 0.78 -23.37 23.46
CA GLN C 55 1.33 -24.67 23.78
C GLN C 55 2.49 -24.93 22.78
N VAL C 56 3.66 -25.31 23.31
CA VAL C 56 4.91 -25.50 22.58
C VAL C 56 4.81 -26.50 21.40
N LYS C 57 4.05 -27.62 21.52
CA LYS C 57 3.91 -28.59 20.43
C LYS C 57 3.19 -27.95 19.22
N LYS C 58 2.11 -27.17 19.50
CA LYS C 58 1.31 -26.43 18.51
C LYS C 58 2.19 -25.43 17.79
N ALA C 59 3.17 -24.87 18.51
CA ALA C 59 4.13 -23.91 17.99
C ALA C 59 5.07 -24.55 16.98
N PHE C 60 5.61 -25.75 17.26
CA PHE C 60 6.53 -26.39 16.31
C PHE C 60 5.83 -26.90 15.06
N PHE C 61 4.54 -27.27 15.18
CA PHE C 61 3.74 -27.74 14.05
C PHE C 61 3.39 -26.56 13.16
N ALA C 62 3.18 -25.36 13.76
CA ALA C 62 2.88 -24.12 13.05
C ALA C 62 4.11 -23.64 12.24
N LEU C 63 5.34 -23.88 12.75
CA LEU C 63 6.59 -23.55 12.03
C LEU C 63 6.68 -24.41 10.76
N VAL C 64 6.20 -25.66 10.84
CA VAL C 64 6.19 -26.62 9.73
C VAL C 64 5.12 -26.25 8.68
N THR C 65 3.85 -26.02 9.13
CA THR C 65 2.75 -25.69 8.22
C THR C 65 2.99 -24.38 7.49
N ASN C 66 3.50 -23.36 8.19
CA ASN C 66 3.78 -22.06 7.56
C ASN C 66 5.08 -22.06 6.75
N GLY C 67 5.84 -23.15 6.85
CA GLY C 67 7.10 -23.33 6.14
C GLY C 67 8.12 -22.27 6.48
N VAL C 68 8.41 -22.14 7.78
CA VAL C 68 9.35 -21.14 8.31
C VAL C 68 10.29 -21.78 9.34
N ARG C 69 11.57 -21.35 9.35
CA ARG C 69 12.59 -21.92 10.26
C ARG C 69 12.71 -21.16 11.60
N ALA C 70 12.06 -19.96 11.74
CA ALA C 70 12.08 -19.16 12.96
C ALA C 70 10.87 -18.25 13.10
N ALA C 71 10.40 -18.03 14.33
CA ALA C 71 9.24 -17.20 14.63
C ALA C 71 9.44 -16.35 15.89
N PRO C 72 9.17 -15.01 15.87
CA PRO C 72 9.36 -14.22 17.10
C PRO C 72 8.29 -14.55 18.16
N LEU C 73 8.58 -14.21 19.42
CA LEU C 73 7.67 -14.51 20.52
C LEU C 73 7.22 -13.25 21.26
N TRP C 74 5.90 -12.99 21.26
CA TRP C 74 5.28 -11.84 21.92
C TRP C 74 4.79 -12.23 23.31
N ASP C 75 5.29 -11.56 24.34
CA ASP C 75 4.83 -11.80 25.70
C ASP C 75 3.72 -10.79 25.91
N SER C 76 2.48 -11.29 26.01
CA SER C 76 1.30 -10.44 26.16
C SER C 76 1.34 -9.63 27.45
N LYS C 77 1.82 -10.23 28.56
CA LYS C 77 1.96 -9.59 29.86
C LYS C 77 3.04 -8.51 29.85
N LYS C 78 4.15 -8.74 29.10
CA LYS C 78 5.26 -7.79 28.98
C LYS C 78 5.04 -6.72 27.90
N GLN C 79 4.12 -6.99 26.93
CA GLN C 79 3.75 -6.14 25.77
C GLN C 79 4.99 -5.79 24.90
N SER C 80 5.79 -6.83 24.59
CA SER C 80 7.02 -6.76 23.79
C SER C 80 7.47 -8.14 23.29
N PHE C 81 8.38 -8.17 22.30
CA PHE C 81 8.93 -9.42 21.80
C PHE C 81 10.08 -9.85 22.70
N VAL C 82 9.85 -10.89 23.51
CA VAL C 82 10.84 -11.38 24.46
C VAL C 82 11.87 -12.34 23.81
N GLY C 83 11.54 -12.90 22.65
CA GLY C 83 12.45 -13.83 22.00
C GLY C 83 12.09 -14.38 20.64
N MET C 84 12.73 -15.52 20.30
CA MET C 84 12.62 -16.21 19.03
C MET C 84 12.56 -17.71 19.20
N LEU C 85 11.58 -18.36 18.56
CA LEU C 85 11.47 -19.81 18.60
C LEU C 85 12.05 -20.41 17.32
N THR C 86 13.01 -21.33 17.47
CA THR C 86 13.72 -21.99 16.37
C THR C 86 13.77 -23.51 16.56
N ILE C 87 14.43 -24.23 15.61
CA ILE C 87 14.62 -25.68 15.62
C ILE C 87 15.50 -26.12 16.77
N THR C 88 16.42 -25.24 17.23
CA THR C 88 17.33 -25.51 18.36
C THR C 88 16.52 -25.82 19.63
N ASP C 89 15.41 -25.10 19.81
CA ASP C 89 14.45 -25.26 20.90
C ASP C 89 13.79 -26.64 20.82
N PHE C 90 13.47 -27.09 19.60
CA PHE C 90 12.88 -28.39 19.35
C PHE C 90 13.90 -29.49 19.62
N ILE C 91 15.17 -29.28 19.20
CA ILE C 91 16.28 -30.20 19.44
C ILE C 91 16.49 -30.29 20.95
N ASN C 92 16.46 -29.13 21.62
CA ASN C 92 16.65 -29.03 23.06
C ASN C 92 15.57 -29.79 23.82
N ILE C 93 14.27 -29.47 23.61
CA ILE C 93 13.15 -30.17 24.25
C ILE C 93 13.30 -31.68 24.02
N LEU C 94 13.45 -32.10 22.74
CA LEU C 94 13.60 -33.51 22.36
C LEU C 94 14.71 -34.20 23.14
N HIS C 95 15.97 -33.76 23.01
CA HIS C 95 17.08 -34.38 23.75
C HIS C 95 16.97 -34.25 25.28
N ARG C 96 16.55 -33.09 25.78
CA ARG C 96 16.41 -32.83 27.22
C ARG C 96 15.35 -33.72 27.85
N TYR C 97 14.23 -33.96 27.15
CA TYR C 97 13.09 -34.67 27.69
C TYR C 97 12.75 -36.06 27.13
N TYR C 98 13.43 -36.55 26.08
CA TYR C 98 13.13 -37.89 25.54
C TYR C 98 13.53 -38.95 26.53
N LYS C 99 12.55 -39.77 26.93
CA LYS C 99 12.77 -40.84 27.88
C LYS C 99 12.90 -42.18 27.15
N SER C 100 11.96 -42.46 26.23
CA SER C 100 11.93 -43.70 25.46
C SER C 100 10.96 -43.63 24.29
N ALA C 101 11.07 -44.59 23.36
CA ALA C 101 10.21 -44.74 22.19
C ALA C 101 8.81 -45.22 22.61
N LEU C 102 8.75 -45.99 23.73
CA LEU C 102 7.54 -46.58 24.33
C LEU C 102 6.72 -45.59 25.15
N VAL C 103 7.31 -44.46 25.57
CA VAL C 103 6.63 -43.46 26.42
C VAL C 103 6.48 -42.11 25.71
N GLN C 104 5.45 -41.34 26.10
CA GLN C 104 5.23 -40.02 25.52
C GLN C 104 6.19 -38.99 26.11
N ILE C 105 6.58 -37.98 25.29
CA ILE C 105 7.39 -36.85 25.76
C ILE C 105 6.34 -35.88 26.32
N TYR C 106 5.72 -36.26 27.48
CA TYR C 106 4.64 -35.56 28.17
C TYR C 106 4.84 -34.06 28.26
N GLU C 107 6.10 -33.59 28.37
CA GLU C 107 6.45 -32.17 28.44
C GLU C 107 6.14 -31.51 27.12
N LEU C 108 6.84 -31.87 26.03
CA LEU C 108 6.59 -31.32 24.68
C LEU C 108 5.06 -31.30 24.37
N GLU C 109 4.39 -32.43 24.66
CA GLU C 109 2.95 -32.63 24.45
C GLU C 109 2.10 -31.59 25.18
N GLU C 110 2.40 -31.33 26.47
CA GLU C 110 1.67 -30.35 27.29
C GLU C 110 2.63 -29.46 28.09
N HIS C 111 3.07 -28.35 27.46
CA HIS C 111 4.00 -27.33 27.95
C HIS C 111 3.75 -26.11 27.08
N LYS C 112 3.77 -24.91 27.67
CA LYS C 112 3.64 -23.67 26.92
C LYS C 112 5.05 -23.24 26.53
N ILE C 113 5.18 -22.29 25.59
CA ILE C 113 6.49 -21.78 25.16
C ILE C 113 7.17 -21.10 26.37
N GLU C 114 6.38 -20.36 27.19
CA GLU C 114 6.83 -19.67 28.40
C GLU C 114 7.31 -20.65 29.48
N THR C 115 6.56 -21.77 29.70
CA THR C 115 6.95 -22.80 30.68
C THR C 115 8.32 -23.38 30.31
N TRP C 116 8.54 -23.66 29.01
CA TRP C 116 9.83 -24.18 28.55
C TRP C 116 10.94 -23.12 28.52
N ARG C 117 10.61 -21.85 28.16
CA ARG C 117 11.59 -20.76 28.12
C ARG C 117 12.23 -20.53 29.50
N GLU C 118 11.46 -20.78 30.57
CA GLU C 118 11.86 -20.67 31.97
C GLU C 118 12.85 -21.78 32.36
N VAL C 119 12.61 -23.03 31.92
CA VAL C 119 13.44 -24.22 32.17
C VAL C 119 14.82 -24.08 31.50
N TYR C 120 14.81 -23.88 30.17
CA TYR C 120 15.95 -23.71 29.28
C TYR C 120 16.82 -22.53 29.71
N LEU C 121 16.19 -21.41 30.05
CA LEU C 121 16.88 -20.20 30.48
C LEU C 121 16.46 -19.80 31.91
N GLN C 122 17.01 -20.49 32.92
CA GLN C 122 16.70 -20.23 34.34
C GLN C 122 17.52 -19.02 34.83
N ASP C 123 18.69 -19.28 35.46
CA ASP C 123 19.63 -18.25 35.91
C ASP C 123 20.40 -17.78 34.67
N SER C 124 20.70 -18.74 33.75
CA SER C 124 21.38 -18.51 32.47
C SER C 124 20.38 -17.82 31.52
N PHE C 125 20.23 -16.48 31.69
CA PHE C 125 19.29 -15.65 30.91
C PHE C 125 19.95 -14.92 29.73
N LYS C 126 19.23 -14.86 28.57
CA LYS C 126 19.69 -14.21 27.33
C LYS C 126 18.56 -13.36 26.71
N PRO C 127 18.75 -12.03 26.55
CA PRO C 127 17.66 -11.20 25.97
C PRO C 127 17.59 -11.18 24.44
N LEU C 128 16.50 -10.58 23.88
CA LEU C 128 16.24 -10.47 22.45
C LEU C 128 17.26 -9.57 21.73
N VAL C 129 17.81 -10.07 20.63
CA VAL C 129 18.77 -9.36 19.79
C VAL C 129 18.04 -8.98 18.50
N CYS C 130 17.94 -7.67 18.21
CA CYS C 130 17.25 -7.21 17.00
C CYS C 130 17.98 -6.06 16.31
N ILE C 131 17.64 -5.82 15.02
CA ILE C 131 18.21 -4.77 14.19
C ILE C 131 17.11 -3.88 13.58
N SER C 132 17.42 -2.61 13.31
CA SER C 132 16.49 -1.66 12.70
C SER C 132 16.65 -1.74 11.17
N PRO C 133 15.59 -1.52 10.36
CA PRO C 133 15.76 -1.55 8.89
C PRO C 133 16.67 -0.45 8.36
N ASN C 134 16.79 0.67 9.12
CA ASN C 134 17.63 1.83 8.80
C ASN C 134 19.10 1.58 9.10
N ALA C 135 19.40 0.63 10.02
CA ALA C 135 20.76 0.24 10.39
C ALA C 135 21.45 -0.48 9.22
N SER C 136 22.79 -0.45 9.18
CA SER C 136 23.57 -1.06 8.10
C SER C 136 23.60 -2.59 8.12
N LEU C 137 23.87 -3.18 6.95
CA LEU C 137 23.99 -4.62 6.71
C LEU C 137 25.16 -5.16 7.53
N PHE C 138 26.21 -4.33 7.73
CA PHE C 138 27.40 -4.63 8.53
C PHE C 138 26.96 -4.83 9.99
N ASP C 139 26.22 -3.84 10.55
CA ASP C 139 25.68 -3.86 11.93
C ASP C 139 24.97 -5.19 12.21
N ALA C 140 24.22 -5.68 11.21
CA ALA C 140 23.49 -6.94 11.27
C ALA C 140 24.44 -8.15 11.26
N VAL C 141 25.41 -8.20 10.32
CA VAL C 141 26.39 -9.29 10.19
C VAL C 141 27.25 -9.40 11.47
N SER C 142 27.70 -8.23 11.99
CA SER C 142 28.48 -8.11 13.22
C SER C 142 27.67 -8.60 14.42
N SER C 143 26.35 -8.25 14.47
CA SER C 143 25.43 -8.67 15.54
C SER C 143 25.11 -10.17 15.50
N LEU C 144 25.25 -10.81 14.32
CA LEU C 144 25.03 -12.26 14.16
C LEU C 144 26.16 -13.03 14.84
N ILE C 145 27.41 -12.62 14.54
CA ILE C 145 28.63 -13.22 15.09
C ILE C 145 28.79 -12.84 16.58
N ARG C 146 28.45 -11.58 16.93
CA ARG C 146 28.49 -11.02 18.29
C ARG C 146 27.74 -11.91 19.29
N ASN C 147 26.51 -12.33 18.90
CA ASN C 147 25.62 -13.12 19.72
C ASN C 147 25.55 -14.61 19.35
N LYS C 148 26.27 -15.01 18.27
CA LYS C 148 26.36 -16.38 17.74
C LYS C 148 24.95 -16.95 17.42
N ILE C 149 24.22 -16.24 16.53
CA ILE C 149 22.85 -16.58 16.08
C ILE C 149 22.76 -16.64 14.55
N HIS C 150 21.79 -17.39 14.00
CA HIS C 150 21.60 -17.51 12.55
C HIS C 150 20.36 -16.77 12.04
N ARG C 151 19.42 -16.45 12.96
CA ARG C 151 18.16 -15.76 12.68
C ARG C 151 18.12 -14.43 13.45
N LEU C 152 18.09 -13.31 12.71
CA LEU C 152 18.05 -11.96 13.28
C LEU C 152 16.79 -11.16 12.85
N PRO C 153 15.86 -10.83 13.79
CA PRO C 153 14.66 -10.09 13.40
C PRO C 153 14.92 -8.61 13.15
N VAL C 154 14.19 -8.03 12.18
CA VAL C 154 14.28 -6.61 11.82
C VAL C 154 13.04 -5.91 12.36
N ILE C 155 13.24 -4.90 13.21
CA ILE C 155 12.15 -4.17 13.87
C ILE C 155 12.24 -2.64 13.65
N ASP C 156 11.15 -2.00 13.16
CA ASP C 156 11.12 -0.54 12.99
C ASP C 156 10.97 0.10 14.38
N PRO C 157 11.78 1.13 14.70
CA PRO C 157 11.67 1.75 16.03
C PRO C 157 10.31 2.38 16.41
N GLU C 158 9.75 3.25 15.53
CA GLU C 158 8.48 3.96 15.76
C GLU C 158 7.28 3.02 15.90
N SER C 159 7.13 2.12 14.92
CA SER C 159 6.05 1.12 14.85
C SER C 159 6.20 0.02 15.89
N GLY C 160 7.41 -0.52 16.00
CA GLY C 160 7.73 -1.61 16.91
C GLY C 160 7.38 -2.96 16.33
N ASN C 161 7.10 -3.01 15.00
CA ASN C 161 6.71 -4.22 14.26
C ASN C 161 7.88 -5.00 13.75
N THR C 162 7.81 -6.34 13.86
CA THR C 162 8.85 -7.21 13.29
C THR C 162 8.51 -7.32 11.83
N LEU C 163 9.43 -6.87 10.97
CA LEU C 163 9.25 -6.84 9.53
C LEU C 163 9.74 -8.11 8.86
N TYR C 164 11.00 -8.50 9.11
CA TYR C 164 11.62 -9.64 8.44
C TYR C 164 12.69 -10.30 9.29
N ILE C 165 12.87 -11.62 9.11
CA ILE C 165 13.91 -12.37 9.83
C ILE C 165 15.11 -12.51 8.88
N LEU C 166 16.14 -11.70 9.13
CA LEU C 166 17.37 -11.64 8.36
C LEU C 166 18.23 -12.87 8.63
N THR C 167 18.60 -13.59 7.55
CA THR C 167 19.41 -14.83 7.62
C THR C 167 20.79 -14.65 6.92
N HIS C 168 21.75 -15.56 7.20
CA HIS C 168 23.08 -15.57 6.58
C HIS C 168 22.93 -15.76 5.07
N LYS C 169 22.13 -16.77 4.66
CA LYS C 169 21.84 -17.13 3.27
C LYS C 169 21.34 -15.96 2.42
N ARG C 170 20.48 -15.09 2.99
CA ARG C 170 19.94 -13.91 2.30
C ARG C 170 21.02 -12.82 2.08
N ILE C 171 21.89 -12.59 3.09
CA ILE C 171 23.00 -11.64 3.04
C ILE C 171 24.05 -12.13 2.04
N LEU C 172 24.41 -13.44 2.13
CA LEU C 172 25.37 -14.09 1.23
C LEU C 172 24.87 -14.05 -0.22
N LYS C 173 23.54 -14.20 -0.42
CA LYS C 173 22.91 -14.15 -1.75
C LYS C 173 23.06 -12.76 -2.38
N PHE C 174 22.66 -11.70 -1.62
CA PHE C 174 22.74 -10.30 -2.04
C PHE C 174 24.19 -9.86 -2.33
N LEU C 175 25.16 -10.39 -1.57
CA LEU C 175 26.58 -10.10 -1.74
C LEU C 175 27.13 -10.76 -3.02
N LYS C 176 26.74 -12.02 -3.30
CA LYS C 176 27.17 -12.75 -4.51
C LYS C 176 26.60 -12.06 -5.77
N LEU C 177 25.34 -11.57 -5.69
CA LEU C 177 24.66 -10.83 -6.76
C LEU C 177 25.33 -9.46 -6.97
N PHE C 178 26.20 -9.04 -6.02
CA PHE C 178 26.93 -7.78 -6.03
C PHE C 178 28.38 -7.91 -6.50
N ILE C 179 28.95 -9.14 -6.45
CA ILE C 179 30.33 -9.31 -6.88
C ILE C 179 30.40 -9.45 -8.40
N THR C 180 31.00 -8.41 -9.03
CA THR C 180 31.21 -8.28 -10.48
C THR C 180 32.68 -7.91 -10.71
N MET C 188 41.63 -12.19 -0.92
CA MET C 188 40.76 -13.13 -1.62
C MET C 188 41.44 -13.74 -2.87
N SER C 189 40.68 -14.57 -3.65
CA SER C 189 41.10 -15.27 -4.87
C SER C 189 42.24 -16.28 -4.66
N LYS C 190 42.45 -16.72 -3.40
CA LYS C 190 43.47 -17.69 -3.03
C LYS C 190 42.79 -18.98 -2.51
N SER C 191 43.60 -20.03 -2.28
CA SER C 191 43.15 -21.34 -1.80
C SER C 191 42.53 -21.31 -0.40
N LEU C 192 41.62 -22.28 -0.11
CA LEU C 192 40.93 -22.43 1.18
C LEU C 192 41.90 -22.77 2.31
N GLU C 193 43.00 -23.46 1.98
CA GLU C 193 44.06 -23.84 2.91
C GLU C 193 44.95 -22.64 3.22
N GLU C 194 45.24 -21.80 2.20
CA GLU C 194 46.08 -20.59 2.32
C GLU C 194 45.45 -19.54 3.23
N LEU C 195 44.21 -19.09 2.91
CA LEU C 195 43.45 -18.09 3.66
C LEU C 195 43.02 -18.57 5.05
N GLN C 196 42.80 -19.90 5.18
CA GLN C 196 42.38 -20.61 6.40
C GLN C 196 41.11 -20.01 7.02
N ILE C 197 39.94 -20.43 6.49
CA ILE C 197 38.63 -19.94 6.93
C ILE C 197 37.71 -21.05 7.43
N GLY C 198 37.33 -20.99 8.71
CA GLY C 198 36.43 -21.95 9.33
C GLY C 198 37.09 -22.89 10.32
N THR C 199 36.31 -23.84 10.86
CA THR C 199 36.76 -24.85 11.83
C THR C 199 37.31 -26.07 11.10
N TYR C 200 38.56 -26.43 11.39
CA TYR C 200 39.23 -27.56 10.77
C TYR C 200 39.71 -28.57 11.82
N ALA C 201 39.58 -28.21 13.11
CA ALA C 201 39.97 -29.06 14.24
C ALA C 201 38.77 -29.55 15.06
N ASN C 202 38.83 -30.83 15.49
CA ASN C 202 37.83 -31.56 16.27
C ASN C 202 36.39 -31.27 15.77
N ILE C 203 36.08 -31.87 14.60
CA ILE C 203 34.82 -31.78 13.88
C ILE C 203 33.83 -32.77 14.48
N ALA C 204 32.64 -32.26 14.90
CA ALA C 204 31.56 -33.06 15.47
C ALA C 204 30.88 -33.90 14.38
N MET C 205 30.93 -35.24 14.53
CA MET C 205 30.40 -36.19 13.53
C MET C 205 29.60 -37.38 14.08
N VAL C 206 28.75 -37.95 13.21
CA VAL C 206 27.92 -39.13 13.46
C VAL C 206 28.28 -40.22 12.45
N ARG C 207 27.79 -41.44 12.69
CA ARG C 207 27.98 -42.58 11.79
C ARG C 207 26.62 -42.93 11.17
N THR C 208 26.61 -43.96 10.30
CA THR C 208 25.42 -44.48 9.61
C THR C 208 24.38 -44.94 10.64
N THR C 209 24.80 -45.80 11.59
CA THR C 209 24.01 -46.40 12.66
C THR C 209 23.64 -45.50 13.85
N THR C 210 24.30 -44.32 14.01
CA THR C 210 24.09 -43.38 15.11
C THR C 210 22.62 -43.00 15.29
N PRO C 211 22.02 -43.20 16.49
CA PRO C 211 20.61 -42.83 16.67
C PRO C 211 20.38 -41.33 16.65
N VAL C 212 19.14 -40.90 16.37
CA VAL C 212 18.80 -39.49 16.31
C VAL C 212 19.02 -38.87 17.70
N TYR C 213 18.57 -39.55 18.79
CA TYR C 213 18.74 -39.03 20.15
C TYR C 213 20.19 -38.67 20.43
N VAL C 214 21.09 -39.61 20.17
CA VAL C 214 22.54 -39.49 20.36
C VAL C 214 23.04 -38.25 19.59
N ALA C 215 22.64 -38.15 18.31
CA ALA C 215 22.99 -37.07 17.40
C ALA C 215 22.46 -35.71 17.88
N LEU C 216 21.22 -35.67 18.42
CA LEU C 216 20.63 -34.43 18.94
C LEU C 216 21.51 -33.92 20.08
N GLY C 217 21.93 -34.86 20.95
CA GLY C 217 22.82 -34.62 22.07
C GLY C 217 24.16 -34.02 21.68
N ILE C 218 24.59 -34.22 20.42
CA ILE C 218 25.83 -33.65 19.88
C ILE C 218 25.58 -32.18 19.58
N PHE C 219 24.50 -31.86 18.83
CA PHE C 219 24.11 -30.50 18.53
C PHE C 219 23.96 -29.68 19.80
N VAL C 220 23.52 -30.35 20.90
CA VAL C 220 23.30 -29.71 22.20
C VAL C 220 24.62 -29.26 22.84
N GLN C 221 25.49 -30.22 23.22
CA GLN C 221 26.76 -29.91 23.89
C GLN C 221 27.78 -29.16 23.00
N HIS C 222 27.75 -29.35 21.68
CA HIS C 222 28.72 -28.70 20.78
C HIS C 222 28.29 -27.34 20.25
N ARG C 223 26.97 -27.13 20.05
CA ARG C 223 26.40 -25.90 19.47
C ARG C 223 26.90 -25.72 18.03
N VAL C 224 26.57 -26.72 17.17
CA VAL C 224 26.89 -26.83 15.74
C VAL C 224 25.57 -27.01 14.94
N SER C 225 25.56 -26.64 13.63
CA SER C 225 24.34 -26.73 12.81
C SER C 225 24.10 -28.07 12.11
N ALA C 226 25.16 -28.75 11.62
CA ALA C 226 25.00 -30.04 10.93
C ALA C 226 26.07 -31.02 11.33
N LEU C 227 25.77 -32.31 11.17
CA LEU C 227 26.68 -33.38 11.52
C LEU C 227 26.94 -34.31 10.33
N PRO C 228 28.18 -34.34 9.79
CA PRO C 228 28.47 -35.24 8.66
C PRO C 228 28.33 -36.71 9.06
N VAL C 229 27.67 -37.50 8.21
CA VAL C 229 27.44 -38.93 8.41
C VAL C 229 28.57 -39.70 7.72
N VAL C 230 29.30 -40.54 8.48
CA VAL C 230 30.41 -41.34 7.94
C VAL C 230 30.07 -42.84 7.89
N ASP C 231 30.61 -43.57 6.87
CA ASP C 231 30.35 -45.00 6.65
C ASP C 231 31.17 -45.93 7.59
N GLU C 232 31.60 -47.10 7.07
CA GLU C 232 32.42 -48.09 7.78
C GLU C 232 33.85 -47.54 7.93
N LYS C 233 34.33 -46.79 6.92
CA LYS C 233 35.63 -46.11 6.88
C LYS C 233 35.41 -44.60 7.08
N GLY C 234 36.51 -43.84 7.12
CA GLY C 234 36.51 -42.38 7.31
C GLY C 234 35.79 -41.55 6.24
N ARG C 235 35.27 -42.24 5.19
CA ARG C 235 34.54 -41.64 4.08
C ARG C 235 33.15 -41.13 4.53
N VAL C 236 32.78 -39.89 4.10
CA VAL C 236 31.51 -39.24 4.42
C VAL C 236 30.44 -39.58 3.36
N VAL C 237 29.35 -40.27 3.78
CA VAL C 237 28.27 -40.68 2.88
C VAL C 237 27.08 -39.70 2.86
N ASP C 238 26.81 -39.00 3.99
CA ASP C 238 25.68 -38.05 4.11
C ASP C 238 25.94 -36.92 5.14
N ILE C 239 24.90 -36.14 5.48
CA ILE C 239 24.93 -35.03 6.44
C ILE C 239 23.54 -34.82 7.07
N TYR C 240 23.49 -34.86 8.42
CA TYR C 240 22.26 -34.65 9.20
C TYR C 240 22.31 -33.24 9.81
N SER C 241 21.49 -32.33 9.27
CA SER C 241 21.40 -30.92 9.68
C SER C 241 20.25 -30.68 10.65
N LYS C 242 20.21 -29.49 11.29
CA LYS C 242 19.14 -29.07 12.20
C LYS C 242 17.83 -29.04 11.43
N PHE C 243 17.91 -28.77 10.11
CA PHE C 243 16.76 -28.74 9.22
C PHE C 243 16.14 -30.14 9.06
N ASP C 244 16.99 -31.17 9.11
CA ASP C 244 16.51 -32.54 9.00
C ASP C 244 15.80 -33.00 10.29
N VAL C 245 15.81 -32.15 11.33
CA VAL C 245 15.15 -32.43 12.60
C VAL C 245 13.68 -31.97 12.52
N ILE C 246 13.36 -30.97 11.65
CA ILE C 246 11.97 -30.53 11.54
C ILE C 246 11.10 -31.57 10.86
N ASN C 247 11.74 -32.52 10.13
CA ASN C 247 11.01 -33.62 9.50
C ASN C 247 10.31 -34.46 10.59
N LEU C 248 10.93 -34.55 11.80
CA LEU C 248 10.39 -35.29 12.94
C LEU C 248 9.09 -34.67 13.39
N ALA C 249 9.03 -33.33 13.40
CA ALA C 249 7.82 -32.57 13.76
C ALA C 249 6.77 -32.73 12.66
N ALA C 250 7.19 -32.55 11.39
CA ALA C 250 6.37 -32.65 10.18
C ALA C 250 5.67 -34.00 10.01
N GLU C 251 6.45 -35.11 10.03
CA GLU C 251 5.95 -36.47 9.88
C GLU C 251 5.39 -37.02 11.20
N LYS C 252 5.48 -36.23 12.29
CA LYS C 252 5.03 -36.56 13.66
C LYS C 252 5.66 -37.90 14.12
N THR C 253 6.99 -38.00 13.98
CA THR C 253 7.80 -39.19 14.29
C THR C 253 8.77 -38.99 15.45
N TYR C 254 8.80 -37.75 16.03
CA TYR C 254 9.65 -37.32 17.16
C TYR C 254 9.64 -38.25 18.36
N ASN C 255 8.58 -39.09 18.50
CA ASN C 255 8.43 -40.01 19.63
C ASN C 255 9.35 -41.23 19.55
N ASN C 256 10.11 -41.38 18.45
CA ASN C 256 11.10 -42.42 18.28
C ASN C 256 12.42 -41.85 17.75
N LEU C 257 13.32 -41.56 18.69
CA LEU C 257 14.63 -40.99 18.42
C LEU C 257 15.72 -42.06 18.51
N ASP C 258 15.26 -43.31 18.69
CA ASP C 258 16.12 -44.50 18.74
C ASP C 258 16.65 -44.88 17.34
N VAL C 259 15.96 -44.41 16.26
CA VAL C 259 16.31 -44.67 14.85
C VAL C 259 17.64 -44.12 14.47
N SER C 260 18.32 -44.80 13.56
CA SER C 260 19.60 -44.35 13.05
C SER C 260 19.38 -43.14 12.18
N VAL C 261 20.39 -42.27 12.14
CA VAL C 261 20.41 -41.03 11.39
C VAL C 261 20.13 -41.28 9.89
N THR C 262 20.59 -42.43 9.33
CA THR C 262 20.35 -42.82 7.93
C THR C 262 18.87 -43.14 7.68
N LYS C 263 18.22 -43.88 8.60
CA LYS C 263 16.79 -44.23 8.57
C LYS C 263 15.97 -42.93 8.55
N ALA C 264 16.41 -41.96 9.37
CA ALA C 264 15.81 -40.63 9.53
C ALA C 264 15.92 -39.83 8.24
N LEU C 265 17.05 -39.96 7.54
CA LEU C 265 17.32 -39.25 6.30
C LEU C 265 16.75 -39.96 5.05
N GLN C 266 15.99 -41.07 5.23
CA GLN C 266 15.37 -41.83 4.13
C GLN C 266 14.27 -41.06 3.36
N HIS C 267 13.68 -39.99 3.95
CA HIS C 267 12.62 -39.15 3.37
C HIS C 267 13.06 -38.30 2.14
N ARG C 268 14.36 -38.39 1.77
CA ARG C 268 15.00 -37.69 0.64
C ARG C 268 16.26 -38.43 0.15
N LEU C 276 27.32 -32.88 -0.77
CA LEU C 276 28.08 -31.81 -1.40
C LEU C 276 29.31 -31.45 -0.58
N LYS C 277 30.49 -31.51 -1.23
CA LYS C 277 31.80 -31.25 -0.61
C LYS C 277 32.67 -30.30 -1.44
N CYS C 278 33.74 -29.77 -0.81
CA CYS C 278 34.74 -28.88 -1.42
C CYS C 278 36.17 -29.38 -1.09
N TYR C 279 37.18 -28.87 -1.83
CA TYR C 279 38.58 -29.26 -1.61
C TYR C 279 39.43 -28.08 -1.15
N LEU C 280 40.51 -28.35 -0.39
CA LEU C 280 41.41 -27.33 0.12
C LEU C 280 42.16 -26.54 -0.98
N HIS C 281 42.25 -27.10 -2.22
CA HIS C 281 42.91 -26.47 -3.38
C HIS C 281 41.97 -25.59 -4.22
N GLU C 282 40.68 -25.53 -3.85
CA GLU C 282 39.65 -24.73 -4.53
C GLU C 282 39.69 -23.28 -4.04
N THR C 283 39.55 -22.30 -4.97
CA THR C 283 39.57 -20.86 -4.66
C THR C 283 38.36 -20.42 -3.82
N LEU C 284 38.52 -19.32 -3.05
CA LEU C 284 37.50 -18.76 -2.17
C LEU C 284 36.27 -18.29 -2.95
N GLU C 285 36.49 -17.60 -4.09
CA GLU C 285 35.43 -17.09 -4.99
C GLU C 285 34.57 -18.23 -5.55
N ALA C 286 35.20 -19.39 -5.86
CA ALA C 286 34.55 -20.59 -6.39
C ALA C 286 33.75 -21.30 -5.29
N ILE C 287 34.29 -21.30 -4.04
CA ILE C 287 33.66 -21.89 -2.85
C ILE C 287 32.38 -21.12 -2.49
N ILE C 288 32.46 -19.77 -2.57
CA ILE C 288 31.35 -18.82 -2.34
C ILE C 288 30.27 -19.06 -3.43
N ASN C 289 30.72 -19.30 -4.68
CA ASN C 289 29.87 -19.60 -5.84
C ASN C 289 29.17 -20.96 -5.69
N ARG C 290 29.90 -21.99 -5.20
CA ARG C 290 29.38 -23.34 -5.00
C ARG C 290 28.26 -23.36 -3.95
N LEU C 291 28.42 -22.58 -2.85
CA LEU C 291 27.45 -22.47 -1.74
C LEU C 291 26.14 -21.81 -2.13
N VAL C 292 26.21 -20.79 -2.99
CA VAL C 292 25.03 -20.05 -3.41
C VAL C 292 24.29 -20.76 -4.56
N GLU C 293 25.04 -21.46 -5.46
CA GLU C 293 24.48 -22.23 -6.58
C GLU C 293 24.02 -23.64 -6.12
N ALA C 294 23.48 -23.68 -4.88
CA ALA C 294 22.97 -24.84 -4.18
C ALA C 294 22.16 -24.36 -2.95
N GLU C 295 22.36 -23.08 -2.53
CA GLU C 295 21.71 -22.40 -1.39
C GLU C 295 21.81 -23.22 -0.07
N VAL C 296 23.05 -23.65 0.26
CA VAL C 296 23.41 -24.49 1.40
C VAL C 296 24.24 -23.69 2.43
N HIS C 297 24.03 -23.94 3.75
CA HIS C 297 24.73 -23.24 4.84
C HIS C 297 26.23 -23.60 4.95
N ARG C 298 26.64 -24.85 4.66
CA ARG C 298 28.05 -25.19 4.79
C ARG C 298 28.54 -26.22 3.78
N LEU C 299 29.86 -26.27 3.58
CA LEU C 299 30.52 -27.24 2.71
C LEU C 299 31.58 -27.99 3.49
N VAL C 300 31.78 -29.27 3.16
CA VAL C 300 32.74 -30.13 3.84
C VAL C 300 34.08 -30.12 3.10
N VAL C 301 35.18 -29.76 3.79
CA VAL C 301 36.53 -29.78 3.21
C VAL C 301 37.00 -31.24 3.31
N VAL C 302 36.94 -31.96 2.18
CA VAL C 302 37.21 -33.38 2.09
C VAL C 302 38.58 -33.74 1.42
N ASP C 303 39.11 -34.94 1.77
CA ASP C 303 40.37 -35.51 1.26
C ASP C 303 40.16 -36.24 -0.08
N GLU C 304 41.26 -36.71 -0.71
CA GLU C 304 41.24 -37.41 -2.00
C GLU C 304 40.31 -38.62 -2.03
N HIS C 305 40.28 -39.40 -0.93
CA HIS C 305 39.44 -40.59 -0.78
C HIS C 305 38.11 -40.32 -0.02
N ASP C 306 37.54 -39.10 -0.24
CA ASP C 306 36.27 -38.58 0.32
C ASP C 306 36.16 -38.66 1.86
N VAL C 307 37.28 -38.38 2.58
CA VAL C 307 37.33 -38.39 4.05
C VAL C 307 37.43 -36.95 4.60
N VAL C 308 36.53 -36.60 5.56
CA VAL C 308 36.44 -35.29 6.21
C VAL C 308 37.77 -34.79 6.78
N LYS C 309 38.11 -33.51 6.52
CA LYS C 309 39.33 -32.86 6.98
C LYS C 309 39.05 -31.52 7.72
N GLY C 310 37.87 -30.96 7.49
CA GLY C 310 37.43 -29.70 8.11
C GLY C 310 36.07 -29.25 7.62
N ILE C 311 35.65 -28.04 8.00
CA ILE C 311 34.35 -27.49 7.59
C ILE C 311 34.44 -25.97 7.31
N VAL C 312 33.52 -25.47 6.47
CA VAL C 312 33.43 -24.06 6.12
C VAL C 312 31.96 -23.66 6.07
N SER C 313 31.54 -22.85 7.04
CA SER C 313 30.16 -22.39 7.18
C SER C 313 29.96 -21.00 6.62
N LEU C 314 28.72 -20.69 6.20
CA LEU C 314 28.26 -19.41 5.67
C LEU C 314 28.60 -18.30 6.67
N SER C 315 28.48 -18.62 7.97
CA SER C 315 28.80 -17.75 9.10
C SER C 315 30.25 -17.26 9.04
N ASP C 316 31.20 -18.20 8.82
CA ASP C 316 32.65 -17.95 8.73
C ASP C 316 33.06 -17.04 7.56
N ILE C 317 32.46 -17.25 6.36
CA ILE C 317 32.71 -16.47 5.14
C ILE C 317 32.35 -15.00 5.36
N LEU C 318 31.14 -14.73 5.91
CA LEU C 318 30.66 -13.37 6.21
C LEU C 318 31.53 -12.70 7.29
N GLN C 319 32.11 -13.51 8.21
CA GLN C 319 33.00 -13.03 9.28
C GLN C 319 34.33 -12.54 8.69
N ALA C 320 34.94 -13.32 7.76
CA ALA C 320 36.19 -12.97 7.08
C ALA C 320 36.05 -11.64 6.35
N LEU C 321 34.85 -11.39 5.78
CA LEU C 321 34.47 -10.17 5.07
C LEU C 321 33.82 -9.17 6.06
N VAL C 322 34.41 -9.07 7.28
CA VAL C 322 34.03 -8.22 8.42
C VAL C 322 35.24 -8.10 9.36
#